data_1M8D
#
_entry.id   1M8D
#
_cell.length_a   213.891
_cell.length_b   213.891
_cell.length_c   115.484
_cell.angle_alpha   90.00
_cell.angle_beta   90.00
_cell.angle_gamma   120.00
#
_symmetry.space_group_name_H-M   'P 61 2 2'
#
loop_
_entity.id
_entity.type
_entity.pdbx_description
1 polymer 'Inducible Nitric Oxide Synthase'
2 non-polymer 'SULFATE ION'
3 non-polymer 'PROTOPORPHYRIN IX CONTAINING FE'
4 non-polymer 5,6,7,8-TETRAHYDROBIOPTERIN
5 non-polymer CHLORZOXAZONE
6 non-polymer 'octyl beta-D-glucopyranoside'
7 non-polymer 1,2-ETHANEDIOL
8 water water
#
_entity_poly.entity_id   1
_entity_poly.type   'polypeptide(L)'
_entity_poly.pdbx_seq_one_letter_code
;SLDKLHVTSTRPQYVRIKNWGSGEILHDTLHHKATSDFTCKSKSCLGSIMNPKSLTRGPRDKPTPLEELLPHAIEFINQY
YGSFKEAKIEEHLARLEAVTKEIETTGTYQLTLDELIFATKMAWRNAPRCIGRIQWSNLQVFDARNCSTAQEMFQHICRH
ILYATNNGNIRSAITVFPQRSDGKHDFRLWNSQLIRYAGYQMPDGTIRGDAATLEFTQLCIDLGWKPRYGRFDVLPLVLQ
ADGQDPEVFEIPPDLVLEVTMEHPKYEWFQELGLKWYALPAVANMLLEVGGLEFPACPFNGWYMGTEIGVRDFCDTQRYN
ILEEVGRRMGLETHTLASLWKDRAVTEINVAVLHSFQKQNVTIMDHHTASESFMKHMQNEYRARGGCPADWIWLVPPVSG
SITPVFHQEMLNYVLSPFYYYQIEPWKTHIWQNE
;
_entity_poly.pdbx_strand_id   A,B
#
loop_
_chem_comp.id
_chem_comp.type
_chem_comp.name
_chem_comp.formula
BOG D-saccharide 'octyl beta-D-glucopyranoside' 'C14 H28 O6'
CLW non-polymer CHLORZOXAZONE 'C7 H4 Cl N O2'
EDO non-polymer 1,2-ETHANEDIOL 'C2 H6 O2'
H4B non-polymer 5,6,7,8-TETRAHYDROBIOPTERIN 'C9 H15 N5 O3'
HEM non-polymer 'PROTOPORPHYRIN IX CONTAINING FE' 'C34 H32 Fe N4 O4'
SO4 non-polymer 'SULFATE ION' 'O4 S -2'
#
# COMPACT_ATOMS: atom_id res chain seq x y z
N GLN A 13 36.28 36.38 -24.83
CA GLN A 13 37.57 35.73 -25.09
C GLN A 13 37.75 34.53 -24.17
N TYR A 14 37.85 34.81 -22.86
CA TYR A 14 38.03 33.78 -21.85
C TYR A 14 37.72 34.32 -20.45
N VAL A 15 37.19 33.45 -19.59
CA VAL A 15 36.86 33.85 -18.23
C VAL A 15 38.04 33.52 -17.32
N ARG A 16 38.45 34.51 -16.53
CA ARG A 16 39.58 34.35 -15.62
C ARG A 16 39.11 33.59 -14.39
N ILE A 17 39.94 32.65 -13.92
CA ILE A 17 39.62 31.84 -12.75
C ILE A 17 40.82 31.82 -11.80
N LYS A 18 40.58 32.13 -10.53
CA LYS A 18 41.65 32.18 -9.54
C LYS A 18 41.56 31.17 -8.39
N ASN A 19 42.72 30.65 -8.01
CA ASN A 19 42.83 29.73 -6.88
C ASN A 19 43.48 30.56 -5.77
N TRP A 20 42.69 30.97 -4.79
CA TRP A 20 43.20 31.78 -3.68
C TRP A 20 44.18 31.07 -2.75
N GLY A 21 44.36 29.77 -2.94
CA GLY A 21 45.30 29.03 -2.11
C GLY A 21 46.72 29.12 -2.64
N SER A 22 46.89 28.87 -3.94
CA SER A 22 48.20 28.90 -4.57
C SER A 22 48.41 30.19 -5.37
N GLY A 23 47.33 30.93 -5.58
CA GLY A 23 47.41 32.17 -6.34
C GLY A 23 47.40 31.97 -7.85
N GLU A 24 47.42 30.71 -8.28
CA GLU A 24 47.43 30.37 -9.71
C GLU A 24 46.18 30.88 -10.45
N ILE A 25 46.38 31.23 -11.72
CA ILE A 25 45.30 31.73 -12.55
C ILE A 25 45.07 30.77 -13.71
N LEU A 26 43.80 30.65 -14.11
CA LEU A 26 43.42 29.78 -15.22
C LEU A 26 42.48 30.50 -16.17
N HIS A 27 42.56 30.15 -17.45
CA HIS A 27 41.72 30.76 -18.48
C HIS A 27 40.71 29.77 -19.02
N ASP A 28 39.45 29.96 -18.64
CA ASP A 28 38.39 29.07 -19.09
C ASP A 28 37.83 29.50 -20.43
N THR A 29 37.94 28.61 -21.42
CA THR A 29 37.43 28.88 -22.76
C THR A 29 36.42 27.80 -23.14
N LEU A 30 36.42 26.71 -22.37
CA LEU A 30 35.55 25.56 -22.61
C LEU A 30 34.07 25.85 -22.39
N HIS A 31 33.78 26.84 -21.55
CA HIS A 31 32.39 27.21 -21.27
C HIS A 31 31.62 27.71 -22.50
N HIS A 32 32.35 28.00 -23.58
CA HIS A 32 31.71 28.48 -24.80
C HIS A 32 30.93 27.37 -25.50
N LYS A 33 31.32 26.12 -25.23
CA LYS A 33 30.66 24.98 -25.83
C LYS A 33 29.48 24.51 -24.97
N ALA A 34 29.15 25.32 -23.96
CA ALA A 34 28.04 25.01 -23.06
C ALA A 34 26.72 24.99 -23.81
N THR A 35 25.74 24.25 -23.28
CA THR A 35 24.45 24.10 -23.93
C THR A 35 23.42 25.22 -23.76
N SER A 36 22.24 24.87 -23.23
CA SER A 36 21.13 25.82 -23.09
C SER A 36 20.80 26.43 -21.73
N ASP A 37 19.66 27.11 -21.70
CA ASP A 37 19.08 27.77 -20.52
C ASP A 37 19.78 29.07 -20.11
N LYS A 43 13.26 35.35 -10.76
CA LYS A 43 14.18 34.36 -11.28
C LYS A 43 15.62 34.70 -10.90
N SER A 44 15.87 34.80 -9.59
CA SER A 44 17.18 35.13 -9.06
C SER A 44 18.19 34.00 -9.29
N CYS A 45 19.37 34.11 -8.68
CA CYS A 45 20.39 33.08 -8.82
C CYS A 45 20.10 31.81 -8.03
N LEU A 46 19.77 30.76 -8.79
CA LEU A 46 19.43 29.44 -8.26
C LEU A 46 20.69 28.73 -7.79
N GLY A 47 21.32 29.34 -6.78
CA GLY A 47 22.57 28.84 -6.22
C GLY A 47 22.60 27.48 -5.58
N SER A 48 21.86 27.31 -4.50
CA SER A 48 21.85 26.02 -3.81
C SER A 48 20.61 25.16 -4.02
N ILE A 49 20.16 25.08 -5.27
CA ILE A 49 18.99 24.26 -5.61
C ILE A 49 19.45 22.83 -5.89
N MET A 50 18.82 21.90 -5.18
CA MET A 50 19.14 20.48 -5.28
C MET A 50 18.92 19.90 -6.68
N ASN A 51 17.67 19.91 -7.13
CA ASN A 51 17.32 19.38 -8.44
C ASN A 51 16.71 20.42 -9.37
N PRO A 52 17.54 21.30 -9.94
CA PRO A 52 17.02 22.32 -10.85
C PRO A 52 16.66 21.70 -12.22
N LYS A 53 15.68 22.29 -12.90
CA LYS A 53 15.23 21.83 -14.21
C LYS A 53 16.35 21.84 -15.24
N SER A 54 17.27 22.78 -15.11
CA SER A 54 18.40 22.88 -16.03
C SER A 54 19.27 21.62 -16.02
N LEU A 55 19.23 20.86 -14.93
CA LEU A 55 19.99 19.62 -14.79
C LEU A 55 19.10 18.38 -14.96
N THR A 56 17.85 18.60 -15.35
CA THR A 56 16.88 17.53 -15.53
C THR A 56 16.41 17.37 -16.97
N ARG A 57 16.37 16.13 -17.43
CA ARG A 57 15.92 15.82 -18.78
C ARG A 57 14.70 14.93 -18.61
N GLY A 58 13.53 15.55 -18.74
CA GLY A 58 12.26 14.85 -18.57
C GLY A 58 11.84 13.86 -19.63
N PRO A 59 10.63 13.30 -19.48
CA PRO A 59 10.05 12.32 -20.40
C PRO A 59 9.52 12.92 -21.71
N ARG A 60 9.20 12.04 -22.66
CA ARG A 60 8.68 12.45 -23.97
C ARG A 60 7.61 11.45 -24.38
N ASP A 61 6.77 11.83 -25.35
CA ASP A 61 5.73 10.95 -25.88
C ASP A 61 5.81 10.92 -27.40
N LYS A 62 6.85 11.55 -27.92
CA LYS A 62 7.10 11.62 -29.37
C LYS A 62 8.61 11.62 -29.59
N PRO A 63 9.06 11.06 -30.71
CA PRO A 63 10.49 10.99 -31.07
C PRO A 63 11.14 12.36 -31.21
N THR A 64 12.46 12.39 -31.12
CA THR A 64 13.21 13.63 -31.25
C THR A 64 13.08 14.18 -32.67
N PRO A 65 12.59 15.42 -32.81
CA PRO A 65 12.42 16.09 -34.11
C PRO A 65 13.72 16.03 -34.91
N LEU A 66 13.63 15.53 -36.14
CA LEU A 66 14.79 15.37 -37.02
C LEU A 66 15.67 16.60 -37.15
N GLU A 67 15.03 17.77 -37.17
CA GLU A 67 15.75 19.03 -37.30
C GLU A 67 16.67 19.26 -36.10
N GLU A 68 16.32 18.67 -34.96
CA GLU A 68 17.13 18.79 -33.75
C GLU A 68 18.16 17.67 -33.68
N LEU A 69 17.70 16.44 -33.91
CA LEU A 69 18.56 15.25 -33.85
C LEU A 69 19.80 15.32 -34.72
N LEU A 70 19.63 15.51 -36.02
CA LEU A 70 20.76 15.55 -36.96
C LEU A 70 21.88 16.49 -36.55
N PRO A 71 21.56 17.74 -36.19
CA PRO A 71 22.60 18.71 -35.78
C PRO A 71 23.41 18.17 -34.61
N HIS A 72 22.74 17.71 -33.56
CA HIS A 72 23.42 17.16 -32.39
C HIS A 72 24.23 15.90 -32.75
N ALA A 73 23.67 15.08 -33.63
CA ALA A 73 24.34 13.86 -34.06
C ALA A 73 25.66 14.20 -34.76
N ILE A 74 25.60 15.14 -35.71
CA ILE A 74 26.79 15.55 -36.45
C ILE A 74 27.82 16.13 -35.49
N GLU A 75 27.34 16.97 -34.58
CA GLU A 75 28.19 17.62 -33.58
C GLU A 75 28.98 16.56 -32.80
N PHE A 76 28.30 15.52 -32.35
CA PHE A 76 28.93 14.44 -31.61
C PHE A 76 29.93 13.64 -32.44
N ILE A 77 29.52 13.24 -33.65
CA ILE A 77 30.41 12.48 -34.53
C ILE A 77 31.72 13.24 -34.75
N ASN A 78 31.64 14.57 -34.85
CA ASN A 78 32.83 15.39 -35.05
C ASN A 78 33.71 15.35 -33.81
N GLN A 79 33.08 15.40 -32.65
CA GLN A 79 33.80 15.37 -31.38
C GLN A 79 34.52 14.02 -31.21
N TYR A 80 33.82 12.94 -31.52
CA TYR A 80 34.40 11.61 -31.41
C TYR A 80 35.64 11.45 -32.27
N TYR A 81 35.53 11.76 -33.56
CA TYR A 81 36.66 11.65 -34.47
C TYR A 81 37.75 12.69 -34.18
N GLY A 82 37.34 13.83 -33.62
CA GLY A 82 38.29 14.88 -33.31
C GLY A 82 39.11 14.59 -32.06
N SER A 83 38.74 13.53 -31.35
CA SER A 83 39.44 13.14 -30.13
C SER A 83 40.70 12.35 -30.39
N PHE A 84 40.75 11.68 -31.54
CA PHE A 84 41.91 10.88 -31.91
C PHE A 84 43.16 11.71 -32.17
N LYS A 85 44.32 11.19 -31.79
CA LYS A 85 45.60 11.88 -31.98
C LYS A 85 45.92 11.86 -33.48
N GLU A 86 45.93 10.66 -34.05
CA GLU A 86 46.19 10.48 -35.47
C GLU A 86 44.81 10.41 -36.14
N ALA A 87 44.40 11.55 -36.71
CA ALA A 87 43.11 11.69 -37.38
C ALA A 87 42.77 10.62 -38.40
N LYS A 88 41.48 10.35 -38.54
CA LYS A 88 40.98 9.36 -39.47
C LYS A 88 39.91 10.00 -40.33
N ILE A 89 40.36 11.00 -41.10
CA ILE A 89 39.50 11.80 -41.99
C ILE A 89 38.60 10.93 -42.84
N GLU A 90 39.18 9.90 -43.45
CA GLU A 90 38.44 8.98 -44.30
C GLU A 90 37.23 8.38 -43.57
N GLU A 91 37.50 7.75 -42.42
CA GLU A 91 36.45 7.13 -41.61
C GLU A 91 35.45 8.16 -41.11
N HIS A 92 35.96 9.33 -40.70
CA HIS A 92 35.14 10.43 -40.22
C HIS A 92 34.04 10.79 -41.22
N LEU A 93 34.44 11.06 -42.47
CA LEU A 93 33.51 11.41 -43.53
C LEU A 93 32.49 10.30 -43.76
N ALA A 94 32.96 9.06 -43.77
CA ALA A 94 32.08 7.91 -43.97
C ALA A 94 31.03 7.82 -42.87
N ARG A 95 31.46 8.01 -41.62
CA ARG A 95 30.55 7.94 -40.49
C ARG A 95 29.49 9.03 -40.58
N LEU A 96 29.92 10.24 -40.93
CA LEU A 96 29.01 11.37 -41.08
C LEU A 96 27.89 11.05 -42.05
N GLU A 97 28.25 10.46 -43.20
CA GLU A 97 27.28 10.09 -44.23
C GLU A 97 26.37 8.97 -43.76
N ALA A 98 26.97 7.95 -43.15
CA ALA A 98 26.22 6.81 -42.66
C ALA A 98 25.19 7.18 -41.59
N VAL A 99 25.57 8.04 -40.66
CA VAL A 99 24.69 8.48 -39.59
C VAL A 99 23.49 9.24 -40.16
N THR A 100 23.78 10.15 -41.08
CA THR A 100 22.75 10.95 -41.73
C THR A 100 21.70 10.03 -42.40
N LYS A 101 22.18 9.02 -43.12
CA LYS A 101 21.30 8.08 -43.80
C LYS A 101 20.45 7.30 -42.83
N GLU A 102 21.07 6.82 -41.77
CA GLU A 102 20.36 6.05 -40.76
C GLU A 102 19.22 6.89 -40.19
N ILE A 103 19.48 8.18 -39.97
CA ILE A 103 18.45 9.07 -39.44
C ILE A 103 17.35 9.28 -40.48
N GLU A 104 17.75 9.46 -41.74
CA GLU A 104 16.80 9.66 -42.83
C GLU A 104 15.88 8.45 -43.01
N THR A 105 16.44 7.25 -42.89
CA THR A 105 15.68 6.02 -43.07
C THR A 105 15.07 5.41 -41.82
N THR A 106 15.58 5.77 -40.64
CA THR A 106 15.04 5.17 -39.42
C THR A 106 14.50 6.17 -38.41
N GLY A 107 14.82 7.44 -38.61
CA GLY A 107 14.37 8.49 -37.71
C GLY A 107 15.24 8.67 -36.47
N THR A 108 16.32 7.88 -36.39
CA THR A 108 17.25 7.91 -35.28
C THR A 108 18.51 7.19 -35.72
N TYR A 109 19.44 6.95 -34.80
CA TYR A 109 20.66 6.22 -35.15
C TYR A 109 21.27 5.46 -33.97
N GLN A 110 22.01 4.40 -34.30
CA GLN A 110 22.66 3.59 -33.29
C GLN A 110 24.15 3.92 -33.21
N LEU A 111 24.61 4.18 -31.99
CA LEU A 111 26.02 4.50 -31.78
C LEU A 111 26.85 3.23 -31.95
N THR A 112 28.08 3.39 -32.39
CA THR A 112 28.96 2.24 -32.49
C THR A 112 29.43 2.02 -31.05
N LEU A 113 29.83 0.80 -30.73
CA LEU A 113 30.30 0.48 -29.39
C LEU A 113 31.36 1.46 -28.92
N ASP A 114 32.32 1.77 -29.79
CA ASP A 114 33.40 2.69 -29.48
C ASP A 114 32.88 4.08 -29.15
N GLU A 115 31.91 4.55 -29.94
CA GLU A 115 31.31 5.86 -29.73
C GLU A 115 30.62 5.92 -28.37
N LEU A 116 29.87 4.87 -28.04
CA LEU A 116 29.16 4.82 -26.77
C LEU A 116 30.16 4.85 -25.61
N ILE A 117 31.19 4.03 -25.72
CA ILE A 117 32.23 3.97 -24.70
C ILE A 117 32.80 5.37 -24.51
N PHE A 118 33.09 6.04 -25.63
CA PHE A 118 33.64 7.39 -25.58
C PHE A 118 32.65 8.35 -24.90
N ALA A 119 31.37 8.16 -25.21
CA ALA A 119 30.31 8.99 -24.64
C ALA A 119 30.19 8.88 -23.12
N THR A 120 30.18 7.65 -22.60
CA THR A 120 30.05 7.44 -21.16
C THR A 120 31.19 8.08 -20.38
N LYS A 121 32.40 7.96 -20.89
CA LYS A 121 33.57 8.54 -20.24
C LYS A 121 33.52 10.08 -20.31
N MET A 122 33.14 10.64 -21.46
CA MET A 122 33.03 12.08 -21.60
C MET A 122 31.92 12.64 -20.71
N ALA A 123 30.80 11.92 -20.61
CA ALA A 123 29.71 12.39 -19.74
C ALA A 123 30.19 12.46 -18.30
N TRP A 124 30.96 11.46 -17.87
CA TRP A 124 31.52 11.43 -16.53
C TRP A 124 32.50 12.60 -16.42
N ARG A 125 33.34 12.74 -17.45
CA ARG A 125 34.31 13.82 -17.51
C ARG A 125 33.60 15.19 -17.37
N ASN A 126 32.36 15.24 -17.84
CA ASN A 126 31.56 16.45 -17.83
C ASN A 126 30.59 16.53 -16.64
N ALA A 127 30.75 15.67 -15.64
CA ALA A 127 29.86 15.73 -14.47
C ALA A 127 30.44 16.75 -13.49
N PRO A 128 29.82 17.95 -13.43
CA PRO A 128 30.28 19.03 -12.54
C PRO A 128 30.28 18.75 -11.05
N ARG A 129 29.46 17.79 -10.66
CA ARG A 129 29.33 17.42 -9.26
C ARG A 129 30.19 16.27 -8.78
N CYS A 130 30.94 15.66 -9.69
CA CYS A 130 31.78 14.53 -9.31
C CYS A 130 33.23 14.91 -8.98
N ILE A 131 33.68 14.50 -7.78
CA ILE A 131 35.04 14.79 -7.31
C ILE A 131 36.04 13.71 -7.77
N GLY A 132 35.50 12.61 -8.29
CA GLY A 132 36.35 11.50 -8.70
C GLY A 132 36.73 11.43 -10.16
N ARG A 133 36.46 12.52 -10.90
CA ARG A 133 36.74 12.57 -12.36
C ARG A 133 38.16 12.37 -12.87
N ILE A 134 39.13 12.23 -11.98
CA ILE A 134 40.48 11.96 -12.44
C ILE A 134 40.49 10.54 -13.02
N GLN A 135 39.51 9.75 -12.61
CA GLN A 135 39.37 8.36 -13.06
C GLN A 135 38.49 8.24 -14.31
N TRP A 136 38.07 9.37 -14.86
CA TRP A 136 37.16 9.40 -16.02
C TRP A 136 37.43 8.46 -17.17
N SER A 137 38.70 8.27 -17.50
CA SER A 137 39.05 7.39 -18.60
C SER A 137 39.05 5.91 -18.23
N ASN A 138 39.03 5.62 -16.93
CA ASN A 138 39.03 4.24 -16.45
C ASN A 138 37.59 3.82 -16.10
N LEU A 139 36.88 3.30 -17.11
CA LEU A 139 35.49 2.89 -16.93
C LEU A 139 35.08 1.71 -17.81
N GLN A 140 34.58 0.65 -17.19
CA GLN A 140 34.12 -0.53 -17.92
C GLN A 140 32.68 -0.27 -18.41
N VAL A 141 32.42 -0.62 -19.66
CA VAL A 141 31.11 -0.39 -20.24
C VAL A 141 30.42 -1.69 -20.62
N PHE A 142 29.19 -1.85 -20.15
CA PHE A 142 28.40 -3.03 -20.45
C PHE A 142 27.29 -2.63 -21.40
N ASP A 143 27.37 -3.11 -22.63
CA ASP A 143 26.37 -2.79 -23.64
C ASP A 143 25.14 -3.70 -23.54
N ALA A 144 24.05 -3.14 -23.03
CA ALA A 144 22.80 -3.87 -22.89
C ALA A 144 21.71 -3.24 -23.75
N ARG A 145 22.11 -2.60 -24.84
CA ARG A 145 21.15 -1.95 -25.74
C ARG A 145 20.22 -2.93 -26.48
N ASN A 146 20.50 -4.22 -26.36
CA ASN A 146 19.68 -5.24 -27.00
C ASN A 146 18.72 -5.87 -25.98
N CYS A 147 18.72 -5.32 -24.78
CA CYS A 147 17.86 -5.84 -23.71
C CYS A 147 16.39 -5.70 -24.09
N SER A 148 15.53 -6.57 -23.56
CA SER A 148 14.10 -6.52 -23.92
C SER A 148 13.16 -6.66 -22.74
N THR A 149 13.56 -7.46 -21.75
CA THR A 149 12.69 -7.70 -20.60
C THR A 149 13.31 -7.28 -19.26
N ALA A 150 12.45 -7.16 -18.26
CA ALA A 150 12.87 -6.80 -16.90
C ALA A 150 13.84 -7.84 -16.35
N GLN A 151 13.50 -9.11 -16.56
CA GLN A 151 14.34 -10.23 -16.11
C GLN A 151 15.74 -10.09 -16.70
N GLU A 152 15.79 -9.65 -17.95
CA GLU A 152 17.07 -9.44 -18.63
C GLU A 152 17.83 -8.27 -18.00
N MET A 153 17.10 -7.20 -17.65
CA MET A 153 17.69 -6.03 -17.00
C MET A 153 18.30 -6.48 -15.68
N PHE A 154 17.54 -7.27 -14.93
CA PHE A 154 17.98 -7.80 -13.64
C PHE A 154 19.27 -8.59 -13.76
N GLN A 155 19.36 -9.43 -14.79
CA GLN A 155 20.56 -10.23 -15.02
C GLN A 155 21.75 -9.34 -15.33
N HIS A 156 21.50 -8.30 -16.13
CA HIS A 156 22.56 -7.36 -16.48
C HIS A 156 23.06 -6.62 -15.23
N ILE A 157 22.11 -6.13 -14.44
CA ILE A 157 22.45 -5.42 -13.22
C ILE A 157 23.26 -6.29 -12.26
N CYS A 158 22.89 -7.57 -12.12
CA CYS A 158 23.61 -8.48 -11.24
C CYS A 158 25.04 -8.64 -11.75
N ARG A 159 25.18 -8.79 -13.06
CA ARG A 159 26.50 -8.96 -13.65
C ARG A 159 27.35 -7.71 -13.35
N HIS A 160 26.69 -6.56 -13.39
CA HIS A 160 27.34 -5.27 -13.15
C HIS A 160 27.85 -5.24 -11.71
N ILE A 161 26.94 -5.43 -10.76
CA ILE A 161 27.25 -5.42 -9.35
C ILE A 161 28.41 -6.37 -9.04
N LEU A 162 28.36 -7.58 -9.61
CA LEU A 162 29.40 -8.57 -9.38
C LEU A 162 30.77 -8.09 -9.88
N TYR A 163 30.82 -7.61 -11.12
CA TYR A 163 32.06 -7.12 -11.73
C TYR A 163 32.63 -5.92 -10.96
N ALA A 164 31.76 -4.96 -10.64
CA ALA A 164 32.13 -3.73 -9.94
C ALA A 164 32.64 -3.99 -8.53
N THR A 165 31.99 -4.91 -7.82
CA THR A 165 32.38 -5.24 -6.44
C THR A 165 33.75 -5.87 -6.39
N ASN A 166 33.99 -6.78 -7.33
CA ASN A 166 35.26 -7.47 -7.47
C ASN A 166 35.92 -7.87 -6.14
N ASN A 167 35.13 -8.42 -5.23
CA ASN A 167 35.62 -8.90 -3.93
C ASN A 167 36.31 -7.79 -3.09
N GLY A 168 35.77 -6.57 -3.16
CA GLY A 168 36.35 -5.45 -2.43
C GLY A 168 37.24 -4.55 -3.27
N ASN A 169 37.88 -5.08 -4.31
CA ASN A 169 38.71 -4.25 -5.17
C ASN A 169 37.77 -3.58 -6.19
N ILE A 170 37.01 -2.58 -5.73
CA ILE A 170 36.03 -1.88 -6.56
C ILE A 170 36.51 -1.38 -7.92
N ARG A 171 35.68 -1.61 -8.94
CA ARG A 171 35.95 -1.18 -10.30
C ARG A 171 34.76 -0.36 -10.84
N SER A 172 35.07 0.77 -11.45
CA SER A 172 34.04 1.64 -12.01
C SER A 172 33.48 1.02 -13.28
N ALA A 173 32.15 1.03 -13.38
CA ALA A 173 31.48 0.44 -14.54
C ALA A 173 30.13 1.08 -14.80
N ILE A 174 29.63 0.86 -16.01
CA ILE A 174 28.34 1.39 -16.39
C ILE A 174 27.65 0.43 -17.33
N THR A 175 26.34 0.28 -17.17
CA THR A 175 25.58 -0.60 -18.04
C THR A 175 24.62 0.27 -18.82
N VAL A 176 24.73 0.20 -20.14
CA VAL A 176 23.87 1.00 -21.00
C VAL A 176 22.71 0.19 -21.58
N PHE A 177 21.50 0.59 -21.22
CA PHE A 177 20.27 -0.04 -21.70
C PHE A 177 19.79 0.65 -22.98
N PRO A 178 18.78 0.07 -23.67
CA PRO A 178 18.26 0.65 -24.91
C PRO A 178 17.85 2.12 -24.79
N GLN A 179 18.33 2.93 -25.74
CA GLN A 179 18.05 4.37 -25.79
C GLN A 179 16.56 4.62 -25.96
N ARG A 180 16.13 5.82 -25.58
CA ARG A 180 14.73 6.21 -25.70
C ARG A 180 14.32 6.27 -27.18
N SER A 181 13.17 5.70 -27.49
CA SER A 181 12.69 5.69 -28.86
C SER A 181 11.67 6.82 -29.04
N ASP A 182 10.43 6.56 -28.63
CA ASP A 182 9.38 7.56 -28.75
C ASP A 182 9.01 8.13 -27.39
N GLY A 183 9.62 7.58 -26.34
CA GLY A 183 9.36 8.03 -24.99
C GLY A 183 8.28 7.23 -24.28
N LYS A 184 7.64 6.33 -25.02
CA LYS A 184 6.59 5.50 -24.44
C LYS A 184 7.13 4.11 -24.10
N HIS A 185 8.36 3.82 -24.52
CA HIS A 185 9.00 2.52 -24.29
C HIS A 185 10.33 2.68 -23.54
N ASP A 186 10.35 3.58 -22.57
CA ASP A 186 11.54 3.85 -21.79
C ASP A 186 11.95 2.75 -20.80
N PHE A 187 13.25 2.44 -20.80
CA PHE A 187 13.80 1.49 -19.85
C PHE A 187 14.18 2.38 -18.66
N ARG A 188 13.74 1.99 -17.46
CA ARG A 188 14.03 2.79 -16.28
C ARG A 188 14.24 1.97 -15.01
N LEU A 189 15.13 2.45 -14.16
CA LEU A 189 15.38 1.85 -12.86
C LEU A 189 14.72 2.83 -11.89
N TRP A 190 13.77 2.34 -11.12
CA TRP A 190 13.06 3.20 -10.17
C TRP A 190 13.91 3.50 -8.94
N ASN A 191 14.94 2.69 -8.71
CA ASN A 191 15.84 2.90 -7.58
C ASN A 191 16.70 4.14 -7.82
N SER A 192 17.11 4.78 -6.73
CA SER A 192 17.98 5.95 -6.85
C SER A 192 19.42 5.43 -6.95
N GLN A 193 19.67 4.29 -6.30
CA GLN A 193 20.98 3.67 -6.32
C GLN A 193 20.80 2.16 -6.42
N LEU A 194 21.78 1.45 -6.97
CA LEU A 194 21.63 0.00 -7.07
C LEU A 194 21.48 -0.63 -5.71
N ILE A 195 22.38 -0.30 -4.78
CA ILE A 195 22.34 -0.84 -3.42
C ILE A 195 21.93 0.30 -2.49
N ARG A 196 20.88 0.07 -1.71
CA ARG A 196 20.37 1.09 -0.81
C ARG A 196 19.58 0.40 0.32
N TYR A 197 19.66 0.96 1.53
CA TYR A 197 18.96 0.38 2.67
C TYR A 197 17.56 0.91 2.80
N ALA A 198 16.67 0.06 3.29
CA ALA A 198 15.26 0.41 3.49
C ALA A 198 15.02 1.25 4.73
N GLY A 199 13.91 1.98 4.70
CA GLY A 199 13.51 2.83 5.80
C GLY A 199 12.09 2.49 6.20
N TYR A 200 11.92 2.09 7.45
CA TYR A 200 10.62 1.69 7.97
C TYR A 200 10.03 2.63 9.00
N GLN A 201 8.74 2.90 8.87
CA GLN A 201 8.03 3.74 9.82
C GLN A 201 7.45 2.78 10.87
N MET A 202 8.31 2.37 11.81
CA MET A 202 7.94 1.44 12.88
C MET A 202 6.68 1.83 13.67
N PRO A 203 5.98 0.82 14.24
CA PRO A 203 4.76 0.95 15.04
C PRO A 203 4.86 1.89 16.23
N ASP A 204 6.01 1.87 16.92
CA ASP A 204 6.21 2.73 18.09
C ASP A 204 6.56 4.18 17.72
N GLY A 205 6.24 4.57 16.48
CA GLY A 205 6.51 5.92 16.01
C GLY A 205 7.92 6.21 15.52
N THR A 206 8.90 5.46 16.02
CA THR A 206 10.30 5.66 15.65
C THR A 206 10.63 5.19 14.23
N ILE A 207 11.52 5.91 13.56
CA ILE A 207 11.95 5.55 12.21
C ILE A 207 13.07 4.52 12.30
N ARG A 208 13.02 3.53 11.42
CA ARG A 208 14.05 2.49 11.43
C ARG A 208 14.70 2.37 10.05
N GLY A 209 16.03 2.20 10.04
CA GLY A 209 16.77 2.07 8.80
C GLY A 209 17.12 3.42 8.20
N ASP A 210 17.13 3.51 6.87
CA ASP A 210 17.45 4.76 6.17
C ASP A 210 16.22 5.61 5.96
N ALA A 211 16.07 6.63 6.80
CA ALA A 211 14.94 7.55 6.74
C ALA A 211 14.74 8.23 5.39
N ALA A 212 15.79 8.25 4.58
CA ALA A 212 15.70 8.89 3.27
C ALA A 212 14.98 8.03 2.24
N THR A 213 14.83 6.74 2.53
CA THR A 213 14.16 5.85 1.59
C THR A 213 12.76 5.45 2.03
N LEU A 214 12.16 6.22 2.95
CA LEU A 214 10.83 5.94 3.47
C LEU A 214 9.78 5.72 2.39
N GLU A 215 9.61 6.72 1.54
CA GLU A 215 8.63 6.67 0.46
C GLU A 215 8.90 5.53 -0.53
N PHE A 216 10.13 5.44 -1.02
CA PHE A 216 10.49 4.39 -1.97
C PHE A 216 10.33 2.99 -1.37
N THR A 217 10.62 2.86 -0.08
CA THR A 217 10.50 1.57 0.60
C THR A 217 9.04 1.11 0.54
N GLN A 218 8.14 2.04 0.82
CA GLN A 218 6.71 1.78 0.80
C GLN A 218 6.29 1.30 -0.58
N LEU A 219 6.75 1.99 -1.62
CA LEU A 219 6.41 1.61 -2.99
C LEU A 219 6.81 0.17 -3.27
N CYS A 220 7.98 -0.23 -2.75
CA CYS A 220 8.44 -1.59 -2.92
C CYS A 220 7.48 -2.56 -2.24
N ILE A 221 6.97 -2.14 -1.09
CA ILE A 221 6.03 -2.96 -0.33
C ILE A 221 4.70 -3.03 -1.08
N ASP A 222 4.32 -1.90 -1.69
CA ASP A 222 3.08 -1.81 -2.46
C ASP A 222 3.15 -2.64 -3.74
N LEU A 223 4.35 -3.09 -4.10
CA LEU A 223 4.55 -3.88 -5.31
C LEU A 223 4.79 -5.36 -5.01
N GLY A 224 4.65 -5.74 -3.75
CA GLY A 224 4.82 -7.13 -3.37
C GLY A 224 6.08 -7.52 -2.65
N TRP A 225 6.93 -6.54 -2.33
CA TRP A 225 8.18 -6.83 -1.63
C TRP A 225 7.91 -7.07 -0.14
N LYS A 226 8.51 -8.13 0.40
CA LYS A 226 8.35 -8.46 1.80
C LYS A 226 9.32 -7.69 2.70
N PRO A 227 8.80 -6.74 3.49
CA PRO A 227 9.60 -5.92 4.40
C PRO A 227 10.14 -6.75 5.56
N ARG A 228 11.42 -6.58 5.86
CA ARG A 228 12.05 -7.32 6.95
C ARG A 228 12.31 -6.48 8.20
N TYR A 229 11.78 -5.26 8.20
CA TYR A 229 11.90 -4.31 9.31
C TYR A 229 13.22 -4.27 10.09
N GLY A 230 14.33 -4.21 9.36
CA GLY A 230 15.65 -4.16 9.98
C GLY A 230 16.31 -2.81 9.77
N ARG A 231 17.49 -2.63 10.34
CA ARG A 231 18.23 -1.37 10.22
C ARG A 231 18.98 -1.26 8.89
N PHE A 232 19.40 -2.40 8.35
CA PHE A 232 20.14 -2.42 7.10
C PHE A 232 19.58 -3.42 6.09
N ASP A 233 18.32 -3.25 5.70
CA ASP A 233 17.72 -4.16 4.73
C ASP A 233 17.94 -3.62 3.33
N VAL A 234 18.67 -4.39 2.53
CA VAL A 234 18.93 -3.99 1.15
C VAL A 234 17.65 -4.03 0.33
N LEU A 235 17.29 -2.88 -0.22
CA LEU A 235 16.09 -2.73 -1.02
C LEU A 235 16.20 -3.52 -2.33
N PRO A 236 15.05 -3.92 -2.90
CA PRO A 236 15.03 -4.69 -4.14
C PRO A 236 15.06 -3.78 -5.37
N LEU A 237 15.46 -4.35 -6.50
CA LEU A 237 15.51 -3.60 -7.75
C LEU A 237 14.08 -3.52 -8.32
N VAL A 238 13.65 -2.30 -8.66
CA VAL A 238 12.33 -2.07 -9.24
C VAL A 238 12.62 -1.66 -10.67
N LEU A 239 12.48 -2.62 -11.58
CA LEU A 239 12.81 -2.40 -12.97
C LEU A 239 11.67 -2.25 -13.97
N GLN A 240 11.80 -1.22 -14.82
CA GLN A 240 10.82 -0.92 -15.85
C GLN A 240 11.48 -1.19 -17.20
N ALA A 241 10.94 -2.14 -17.95
CA ALA A 241 11.49 -2.48 -19.26
C ALA A 241 10.52 -2.16 -20.40
N ASP A 242 11.07 -1.59 -21.48
CA ASP A 242 10.29 -1.21 -22.66
C ASP A 242 9.00 -0.44 -22.35
N GLY A 243 9.08 0.49 -21.41
CA GLY A 243 7.92 1.29 -21.04
C GLY A 243 6.81 0.57 -20.29
N GLN A 244 7.01 -0.72 -20.02
CA GLN A 244 6.02 -1.51 -19.30
C GLN A 244 6.10 -1.36 -17.78
N ASP A 245 5.10 -1.91 -17.08
CA ASP A 245 5.07 -1.82 -15.63
C ASP A 245 6.31 -2.39 -14.95
N PRO A 246 6.78 -1.73 -13.88
CA PRO A 246 7.97 -2.13 -13.11
C PRO A 246 7.81 -3.44 -12.34
N GLU A 247 8.84 -4.28 -12.43
CA GLU A 247 8.85 -5.56 -11.73
C GLU A 247 9.85 -5.49 -10.58
N VAL A 248 9.53 -6.17 -9.49
CA VAL A 248 10.39 -6.20 -8.31
C VAL A 248 11.30 -7.42 -8.29
N PHE A 249 12.60 -7.19 -8.05
CA PHE A 249 13.59 -8.26 -7.99
C PHE A 249 14.50 -8.09 -6.78
N GLU A 250 14.57 -9.11 -5.92
CA GLU A 250 15.45 -9.03 -4.75
C GLU A 250 16.90 -9.27 -5.18
N ILE A 251 17.80 -8.43 -4.69
CA ILE A 251 19.20 -8.58 -5.03
C ILE A 251 19.80 -9.73 -4.24
N PRO A 252 20.45 -10.68 -4.93
CA PRO A 252 21.05 -11.82 -4.25
C PRO A 252 22.09 -11.36 -3.23
N PRO A 253 21.86 -11.64 -1.94
CA PRO A 253 22.76 -11.27 -0.84
C PRO A 253 24.24 -11.54 -1.06
N ASP A 254 24.56 -12.59 -1.82
CA ASP A 254 25.95 -12.93 -2.09
C ASP A 254 26.62 -11.83 -2.92
N LEU A 255 25.81 -11.03 -3.59
CA LEU A 255 26.34 -9.97 -4.43
C LEU A 255 26.51 -8.64 -3.70
N VAL A 256 25.90 -8.50 -2.52
CA VAL A 256 25.99 -7.26 -1.76
C VAL A 256 27.08 -7.32 -0.69
N LEU A 257 28.26 -6.78 -1.02
CA LEU A 257 29.37 -6.75 -0.09
C LEU A 257 29.18 -5.62 0.92
N GLU A 258 29.36 -5.93 2.19
CA GLU A 258 29.22 -4.93 3.25
C GLU A 258 30.45 -4.86 4.15
N VAL A 259 30.58 -3.74 4.84
CA VAL A 259 31.69 -3.50 5.75
C VAL A 259 31.16 -3.20 7.15
N THR A 260 31.56 -4.02 8.13
CA THR A 260 31.12 -3.77 9.50
C THR A 260 31.99 -2.67 10.11
N MET A 261 31.35 -1.70 10.74
CA MET A 261 32.08 -0.57 11.30
C MET A 261 32.79 -0.82 12.64
N GLU A 262 34.11 -0.65 12.63
CA GLU A 262 34.96 -0.80 13.82
C GLU A 262 35.88 0.40 13.95
N HIS A 263 36.13 0.83 15.19
CA HIS A 263 37.02 1.94 15.46
C HIS A 263 38.37 1.38 15.92
N PRO A 264 39.48 1.97 15.43
CA PRO A 264 40.82 1.49 15.80
C PRO A 264 41.16 1.57 17.29
N LYS A 265 40.50 2.46 18.03
CA LYS A 265 40.76 2.63 19.46
C LYS A 265 39.52 2.39 20.32
N TYR A 266 38.37 2.87 19.86
CA TYR A 266 37.13 2.70 20.61
C TYR A 266 36.50 1.33 20.34
N GLU A 267 36.71 0.41 21.28
CA GLU A 267 36.16 -0.95 21.14
C GLU A 267 34.64 -0.96 21.22
N TRP A 268 34.06 0.05 21.85
CA TRP A 268 32.61 0.14 21.97
C TRP A 268 31.93 0.55 20.66
N PHE A 269 32.73 0.94 19.68
CA PHE A 269 32.19 1.37 18.40
C PHE A 269 31.41 0.27 17.69
N GLN A 270 31.93 -0.96 17.69
CA GLN A 270 31.21 -2.05 17.05
C GLN A 270 29.92 -2.41 17.76
N GLU A 271 29.78 -1.97 19.01
CA GLU A 271 28.58 -2.23 19.79
C GLU A 271 27.43 -1.42 19.22
N LEU A 272 27.76 -0.47 18.35
CA LEU A 272 26.77 0.37 17.70
C LEU A 272 26.04 -0.46 16.64
N GLY A 273 26.68 -1.54 16.21
CA GLY A 273 26.11 -2.43 15.21
C GLY A 273 25.92 -1.78 13.85
N LEU A 274 26.87 -0.93 13.47
CA LEU A 274 26.78 -0.24 12.22
C LEU A 274 27.54 -0.91 11.11
N LYS A 275 27.05 -0.74 9.90
CA LYS A 275 27.71 -1.27 8.72
C LYS A 275 27.22 -0.49 7.49
N TRP A 276 27.87 -0.71 6.35
CA TRP A 276 27.44 -0.03 5.13
C TRP A 276 27.87 -0.84 3.91
N TYR A 277 27.19 -0.63 2.79
CA TYR A 277 27.55 -1.34 1.57
C TYR A 277 28.79 -0.71 0.91
N ALA A 278 29.56 -1.51 0.21
CA ALA A 278 30.78 -1.04 -0.41
C ALA A 278 30.64 -0.46 -1.81
N LEU A 279 29.45 -0.58 -2.38
CA LEU A 279 29.23 -0.16 -3.75
C LEU A 279 28.31 1.00 -3.98
N PRO A 280 28.87 2.20 -4.28
CA PRO A 280 28.07 3.39 -4.54
C PRO A 280 27.74 3.37 -6.04
N ALA A 281 26.45 3.23 -6.36
CA ALA A 281 26.04 3.15 -7.76
C ALA A 281 24.78 3.92 -8.06
N VAL A 282 24.90 4.96 -8.89
CA VAL A 282 23.77 5.80 -9.27
C VAL A 282 22.95 5.01 -10.28
N ALA A 283 21.65 4.95 -10.06
CA ALA A 283 20.81 4.15 -10.92
C ALA A 283 19.71 4.82 -11.71
N ASN A 284 19.35 6.04 -11.33
CA ASN A 284 18.24 6.76 -11.94
C ASN A 284 18.57 7.93 -12.88
N MET A 285 19.82 8.04 -13.31
CA MET A 285 20.16 9.14 -14.20
C MET A 285 20.05 8.85 -15.71
N LEU A 286 20.06 9.91 -16.51
CA LEU A 286 19.94 9.77 -17.96
C LEU A 286 21.18 10.25 -18.71
N LEU A 287 21.65 9.42 -19.64
CA LEU A 287 22.82 9.76 -20.44
C LEU A 287 22.40 10.42 -21.75
N GLU A 288 22.88 11.64 -21.98
CA GLU A 288 22.56 12.38 -23.19
C GLU A 288 23.80 12.40 -24.06
N VAL A 289 23.63 12.00 -25.32
CA VAL A 289 24.75 11.96 -26.26
C VAL A 289 24.29 12.05 -27.71
N GLY A 290 24.85 13.03 -28.43
CA GLY A 290 24.54 13.27 -29.84
C GLY A 290 23.06 13.28 -30.17
N GLY A 291 22.26 13.88 -29.30
CA GLY A 291 20.83 13.91 -29.54
C GLY A 291 20.09 12.68 -29.01
N LEU A 292 20.83 11.65 -28.66
CA LEU A 292 20.23 10.42 -28.12
C LEU A 292 20.11 10.49 -26.58
N GLU A 293 19.10 9.82 -26.05
CA GLU A 293 18.87 9.80 -24.60
C GLU A 293 18.76 8.37 -24.09
N PHE A 294 19.48 8.06 -23.01
CA PHE A 294 19.44 6.72 -22.42
C PHE A 294 18.90 6.85 -21.00
N PRO A 295 17.58 6.64 -20.84
CA PRO A 295 16.87 6.72 -19.56
C PRO A 295 17.33 5.71 -18.50
N ALA A 296 18.06 4.70 -18.92
CA ALA A 296 18.56 3.68 -17.99
C ALA A 296 20.03 3.39 -18.28
N CYS A 297 20.89 3.81 -17.36
CA CYS A 297 22.33 3.61 -17.51
C CYS A 297 23.01 3.70 -16.15
N PRO A 298 22.75 2.71 -15.28
CA PRO A 298 23.37 2.71 -13.95
C PRO A 298 24.89 2.68 -14.00
N PHE A 299 25.51 3.45 -13.11
CA PHE A 299 26.97 3.49 -13.06
C PHE A 299 27.47 3.55 -11.65
N ASN A 300 28.74 3.21 -11.49
CA ASN A 300 29.32 3.24 -10.16
C ASN A 300 30.82 3.54 -10.15
N GLY A 301 31.29 3.93 -8.97
CA GLY A 301 32.69 4.20 -8.72
C GLY A 301 32.92 3.54 -7.37
N TRP A 302 33.81 4.12 -6.56
CA TRP A 302 34.08 3.63 -5.21
C TRP A 302 33.74 4.79 -4.27
N TYR A 303 33.66 4.49 -2.99
CA TYR A 303 33.33 5.49 -1.98
C TYR A 303 34.44 6.46 -1.57
N MET A 304 34.02 7.63 -1.12
CA MET A 304 34.91 8.63 -0.57
C MET A 304 34.35 8.61 0.85
N GLY A 305 35.21 8.33 1.83
CA GLY A 305 34.82 8.18 3.22
C GLY A 305 33.70 9.04 3.82
N THR A 306 33.75 10.34 3.55
CA THR A 306 32.79 11.28 4.07
C THR A 306 31.33 11.03 3.66
N GLU A 307 31.10 10.39 2.52
CA GLU A 307 29.74 10.07 2.09
C GLU A 307 29.05 9.17 3.13
N ILE A 308 29.78 8.18 3.65
CA ILE A 308 29.24 7.27 4.64
C ILE A 308 29.30 7.84 6.05
N GLY A 309 30.50 8.19 6.48
CA GLY A 309 30.69 8.72 7.82
C GLY A 309 29.99 10.04 8.12
N VAL A 310 29.90 10.92 7.14
CA VAL A 310 29.26 12.20 7.39
C VAL A 310 27.81 12.31 6.94
N ARG A 311 27.56 12.03 5.68
CA ARG A 311 26.20 12.15 5.16
C ARG A 311 25.27 11.04 5.64
N ASP A 312 25.63 9.79 5.30
CA ASP A 312 24.82 8.63 5.65
C ASP A 312 24.61 8.41 7.14
N PHE A 313 25.71 8.47 7.90
CA PHE A 313 25.65 8.28 9.34
C PHE A 313 25.28 9.53 10.18
N CYS A 314 25.72 10.72 9.77
CA CYS A 314 25.45 11.93 10.57
C CYS A 314 24.34 12.89 10.19
N ASP A 315 23.82 12.80 8.97
CA ASP A 315 22.70 13.67 8.60
C ASP A 315 21.51 13.32 9.52
N THR A 316 20.79 14.35 9.96
CA THR A 316 19.63 14.13 10.82
C THR A 316 18.53 13.39 10.06
N GLN A 317 18.48 13.61 8.75
CA GLN A 317 17.48 12.96 7.91
C GLN A 317 17.91 11.55 7.48
N ARG A 318 19.04 11.08 7.99
CA ARG A 318 19.52 9.75 7.67
C ARG A 318 19.63 8.91 8.94
N TYR A 319 20.79 8.32 9.18
CA TYR A 319 20.98 7.49 10.36
C TYR A 319 21.13 8.24 11.69
N ASN A 320 21.47 9.53 11.61
CA ASN A 320 21.59 10.43 12.77
C ASN A 320 22.24 9.82 14.02
N ILE A 321 23.44 9.26 13.88
CA ILE A 321 24.12 8.62 15.00
C ILE A 321 25.06 9.54 15.79
N LEU A 322 25.09 10.82 15.40
CA LEU A 322 26.01 11.78 16.01
C LEU A 322 25.97 11.92 17.53
N GLU A 323 24.80 12.17 18.10
CA GLU A 323 24.71 12.32 19.55
C GLU A 323 25.13 11.05 20.30
N GLU A 324 24.72 9.88 19.78
CA GLU A 324 25.05 8.61 20.40
C GLU A 324 26.56 8.43 20.50
N VAL A 325 27.27 8.70 19.40
CA VAL A 325 28.73 8.57 19.40
C VAL A 325 29.34 9.61 20.34
N GLY A 326 28.63 10.72 20.50
CA GLY A 326 29.09 11.77 21.38
C GLY A 326 29.19 11.31 22.84
N ARG A 327 28.08 10.81 23.38
CA ARG A 327 28.04 10.34 24.78
C ARG A 327 29.09 9.27 25.01
N ARG A 328 29.10 8.29 24.12
CA ARG A 328 30.05 7.18 24.20
C ARG A 328 31.49 7.66 24.35
N MET A 329 31.77 8.85 23.81
CA MET A 329 33.10 9.45 23.89
C MET A 329 33.28 10.26 25.17
N GLY A 330 32.17 10.48 25.88
CA GLY A 330 32.21 11.24 27.11
C GLY A 330 32.32 12.73 26.87
N LEU A 331 31.65 13.21 25.83
CA LEU A 331 31.67 14.62 25.46
C LEU A 331 30.48 15.38 26.01
N GLU A 332 30.62 16.71 26.10
CA GLU A 332 29.56 17.58 26.58
C GLU A 332 28.54 17.79 25.46
N THR A 333 27.76 16.74 25.19
CA THR A 333 26.76 16.78 24.13
C THR A 333 25.60 17.76 24.34
N HIS A 334 25.63 18.47 25.46
CA HIS A 334 24.59 19.45 25.79
C HIS A 334 25.09 20.90 25.66
N THR A 335 26.37 21.03 25.29
CA THR A 335 27.00 22.32 25.10
C THR A 335 27.61 22.38 23.69
N LEU A 336 26.93 23.06 22.77
CA LEU A 336 27.39 23.18 21.40
C LEU A 336 28.80 23.76 21.28
N ALA A 337 29.05 24.80 22.07
CA ALA A 337 30.35 25.48 22.06
C ALA A 337 31.52 24.56 22.39
N SER A 338 31.24 23.40 22.99
CA SER A 338 32.28 22.45 23.34
C SER A 338 32.88 21.80 22.09
N LEU A 339 32.19 21.95 20.96
CA LEU A 339 32.60 21.40 19.66
C LEU A 339 32.64 19.87 19.67
N TRP A 340 31.71 19.27 20.43
CA TRP A 340 31.64 17.82 20.54
C TRP A 340 31.28 17.21 19.18
N LYS A 341 30.41 17.89 18.44
CA LYS A 341 30.02 17.41 17.14
C LYS A 341 31.21 17.26 16.21
N ASP A 342 32.12 18.24 16.24
CA ASP A 342 33.31 18.20 15.39
C ASP A 342 34.18 17.02 15.79
N ARG A 343 34.31 16.81 17.09
CA ARG A 343 35.11 15.70 17.60
C ARG A 343 34.52 14.33 17.25
N ALA A 344 33.21 14.19 17.40
CA ALA A 344 32.52 12.93 17.14
C ALA A 344 32.56 12.52 15.67
N VAL A 345 32.17 13.45 14.79
CA VAL A 345 32.15 13.17 13.36
C VAL A 345 33.49 12.71 12.83
N THR A 346 34.59 13.21 13.41
CA THR A 346 35.91 12.80 12.92
C THR A 346 36.23 11.35 13.26
N GLU A 347 35.82 10.94 14.46
CA GLU A 347 36.04 9.56 14.90
C GLU A 347 35.23 8.60 14.03
N ILE A 348 34.00 9.00 13.68
CA ILE A 348 33.15 8.20 12.81
C ILE A 348 33.87 8.08 11.45
N ASN A 349 34.39 9.19 10.92
CA ASN A 349 35.12 9.14 9.65
C ASN A 349 36.32 8.22 9.76
N VAL A 350 37.00 8.28 10.91
CA VAL A 350 38.17 7.42 11.13
C VAL A 350 37.73 5.95 11.11
N ALA A 351 36.58 5.67 11.73
CA ALA A 351 36.03 4.32 11.80
C ALA A 351 35.73 3.79 10.40
N VAL A 352 35.04 4.60 9.61
CA VAL A 352 34.69 4.21 8.25
C VAL A 352 35.93 3.88 7.46
N LEU A 353 36.93 4.76 7.49
CA LEU A 353 38.16 4.52 6.74
C LEU A 353 38.92 3.29 7.24
N HIS A 354 38.99 3.15 8.56
CA HIS A 354 39.67 2.03 9.19
C HIS A 354 39.02 0.70 8.82
N SER A 355 37.70 0.63 8.92
CA SER A 355 36.97 -0.58 8.59
C SER A 355 37.15 -1.01 7.12
N PHE A 356 36.99 -0.08 6.19
CA PHE A 356 37.15 -0.43 4.78
C PHE A 356 38.55 -0.96 4.48
N GLN A 357 39.56 -0.28 5.01
CA GLN A 357 40.93 -0.70 4.79
C GLN A 357 41.22 -2.08 5.38
N LYS A 358 40.70 -2.31 6.58
CA LYS A 358 40.90 -3.56 7.30
C LYS A 358 40.26 -4.72 6.54
N GLN A 359 39.07 -4.47 6.01
CA GLN A 359 38.33 -5.47 5.28
C GLN A 359 38.66 -5.49 3.80
N ASN A 360 39.77 -4.83 3.46
CA ASN A 360 40.28 -4.74 2.09
C ASN A 360 39.27 -4.25 1.05
N VAL A 361 38.47 -3.26 1.41
CA VAL A 361 37.49 -2.70 0.49
C VAL A 361 37.90 -1.29 0.08
N THR A 362 38.02 -1.07 -1.22
CA THR A 362 38.42 0.23 -1.77
C THR A 362 37.67 1.42 -1.18
N ILE A 363 38.44 2.45 -0.83
CA ILE A 363 37.91 3.70 -0.31
C ILE A 363 38.99 4.80 -0.33
N MET A 364 38.57 6.05 -0.41
CA MET A 364 39.50 7.17 -0.42
C MET A 364 39.01 8.23 0.55
N ASP A 365 39.92 8.78 1.36
CA ASP A 365 39.53 9.83 2.30
C ASP A 365 39.30 11.10 1.47
N HIS A 366 38.57 12.06 2.03
CA HIS A 366 38.25 13.31 1.35
C HIS A 366 39.43 14.21 0.99
N HIS A 367 40.48 14.18 1.81
CA HIS A 367 41.68 15.00 1.54
C HIS A 367 42.38 14.50 0.30
N THR A 368 42.63 13.20 0.23
CA THR A 368 43.29 12.62 -0.94
C THR A 368 42.43 12.82 -2.21
N ALA A 369 41.10 12.76 -2.03
CA ALA A 369 40.17 12.93 -3.15
C ALA A 369 40.26 14.35 -3.70
N SER A 370 40.21 15.32 -2.79
CA SER A 370 40.31 16.74 -3.16
C SER A 370 41.55 17.02 -4.01
N GLU A 371 42.71 16.63 -3.53
CA GLU A 371 43.97 16.86 -4.25
C GLU A 371 43.91 16.25 -5.62
N SER A 372 43.39 15.03 -5.66
CA SER A 372 43.25 14.29 -6.91
C SER A 372 42.41 15.07 -7.92
N PHE A 373 41.36 15.73 -7.46
CA PHE A 373 40.52 16.52 -8.35
C PHE A 373 41.27 17.78 -8.82
N MET A 374 41.98 18.42 -7.90
CA MET A 374 42.77 19.61 -8.24
C MET A 374 43.74 19.29 -9.37
N LYS A 375 44.35 18.11 -9.28
CA LYS A 375 45.27 17.65 -10.32
C LYS A 375 44.51 17.44 -11.64
N HIS A 376 43.30 16.90 -11.52
CA HIS A 376 42.45 16.65 -12.67
C HIS A 376 42.05 17.93 -13.37
N MET A 377 41.61 18.91 -12.59
CA MET A 377 41.18 20.19 -13.11
C MET A 377 42.33 20.85 -13.87
N GLN A 378 43.52 20.78 -13.28
CA GLN A 378 44.73 21.31 -13.88
C GLN A 378 44.95 20.62 -15.23
N ASN A 379 44.69 19.30 -15.26
CA ASN A 379 44.86 18.50 -16.47
C ASN A 379 43.83 18.86 -17.53
N GLU A 380 42.61 19.14 -17.09
CA GLU A 380 41.53 19.50 -17.99
C GLU A 380 41.71 20.84 -18.66
N TYR A 381 42.22 21.82 -17.91
CA TYR A 381 42.46 23.16 -18.46
C TYR A 381 43.58 23.12 -19.49
N ARG A 382 44.56 22.26 -19.24
CA ARG A 382 45.69 22.10 -20.14
C ARG A 382 45.26 21.37 -21.41
N ALA A 383 44.30 20.45 -21.25
CA ALA A 383 43.81 19.64 -22.37
C ALA A 383 42.72 20.29 -23.20
N ARG A 384 41.76 20.92 -22.54
CA ARG A 384 40.68 21.56 -23.27
C ARG A 384 40.24 22.93 -22.76
N GLY A 385 41.07 23.54 -21.92
CA GLY A 385 40.77 24.87 -21.44
C GLY A 385 39.58 25.04 -20.52
N GLY A 386 39.38 24.07 -19.63
CA GLY A 386 38.28 24.18 -18.70
C GLY A 386 37.84 22.88 -18.08
N CYS A 387 37.03 22.99 -17.04
CA CYS A 387 36.49 21.84 -16.33
C CYS A 387 35.25 22.28 -15.58
N PRO A 388 34.07 21.85 -16.04
CA PRO A 388 32.80 22.21 -15.39
C PRO A 388 32.82 21.68 -13.95
N ALA A 389 32.58 22.57 -13.00
CA ALA A 389 32.64 22.20 -11.60
C ALA A 389 31.58 22.88 -10.75
N ASP A 390 30.90 22.12 -9.90
CA ASP A 390 29.88 22.64 -9.01
C ASP A 390 30.51 22.68 -7.61
N TRP A 391 31.01 23.86 -7.24
CA TRP A 391 31.69 24.07 -5.98
C TRP A 391 30.91 23.51 -4.79
N ILE A 392 29.60 23.74 -4.79
CA ILE A 392 28.73 23.30 -3.72
C ILE A 392 28.76 21.80 -3.51
N TRP A 393 29.03 21.05 -4.57
CA TRP A 393 29.08 19.61 -4.44
C TRP A 393 30.50 19.08 -4.31
N LEU A 394 31.47 19.83 -4.84
CA LEU A 394 32.84 19.35 -4.81
C LEU A 394 33.51 19.50 -3.48
N VAL A 395 33.06 20.48 -2.69
CA VAL A 395 33.64 20.71 -1.38
C VAL A 395 33.07 19.71 -0.38
N PRO A 396 33.95 18.92 0.25
CA PRO A 396 33.57 17.91 1.25
C PRO A 396 32.65 18.47 2.33
N PRO A 397 31.76 17.61 2.87
CA PRO A 397 30.81 17.97 3.94
C PRO A 397 31.53 18.31 5.25
N VAL A 398 32.85 18.05 5.32
CA VAL A 398 33.68 18.41 6.49
C VAL A 398 35.04 18.88 6.01
N SER A 399 35.76 19.64 6.83
CA SER A 399 37.10 20.15 6.51
C SER A 399 37.12 21.00 5.26
N GLY A 400 36.04 21.74 5.03
CA GLY A 400 35.91 22.57 3.84
C GLY A 400 37.18 23.27 3.39
N SER A 401 37.53 24.34 4.09
CA SER A 401 38.71 25.12 3.76
C SER A 401 40.03 24.41 3.98
N ILE A 402 39.99 23.26 4.65
CA ILE A 402 41.21 22.48 4.88
C ILE A 402 41.61 21.82 3.56
N THR A 403 40.65 21.66 2.65
CA THR A 403 40.92 21.05 1.34
C THR A 403 41.22 22.15 0.33
N PRO A 404 41.99 21.84 -0.73
CA PRO A 404 42.33 22.86 -1.74
C PRO A 404 41.14 23.31 -2.63
N VAL A 405 40.18 22.39 -2.82
CA VAL A 405 39.01 22.65 -3.65
C VAL A 405 38.22 23.86 -3.20
N PHE A 406 38.24 24.12 -1.91
CA PHE A 406 37.54 25.24 -1.33
C PHE A 406 38.05 26.59 -1.85
N HIS A 407 39.36 26.71 -2.02
CA HIS A 407 39.93 27.98 -2.46
C HIS A 407 40.02 28.13 -3.96
N GLN A 408 39.45 27.18 -4.67
CA GLN A 408 39.48 27.20 -6.12
C GLN A 408 38.18 27.72 -6.72
N GLU A 409 38.27 28.80 -7.48
CA GLU A 409 37.11 29.37 -8.17
C GLU A 409 36.73 28.40 -9.28
N MET A 410 35.42 28.21 -9.49
CA MET A 410 34.95 27.27 -10.49
C MET A 410 33.83 27.82 -11.34
N LEU A 411 33.67 27.22 -12.51
CA LEU A 411 32.62 27.61 -13.44
C LEU A 411 31.75 26.39 -13.67
N ASN A 412 30.45 26.55 -13.37
CA ASN A 412 29.50 25.46 -13.54
C ASN A 412 28.71 25.63 -14.85
N TYR A 413 28.80 24.65 -15.74
CA TYR A 413 28.08 24.69 -17.03
C TYR A 413 27.85 23.29 -17.58
N VAL A 414 26.78 23.14 -18.38
CA VAL A 414 26.40 21.86 -18.96
C VAL A 414 26.97 21.62 -20.36
N LEU A 415 27.70 20.54 -20.52
CA LEU A 415 28.29 20.22 -21.81
C LEU A 415 27.53 19.03 -22.41
N SER A 416 28.12 18.38 -23.40
CA SER A 416 27.52 17.22 -24.04
C SER A 416 28.66 16.34 -24.54
N PRO A 417 28.61 15.02 -24.25
CA PRO A 417 27.60 14.27 -23.49
C PRO A 417 27.44 14.74 -22.03
N PHE A 418 26.37 14.30 -21.39
CA PHE A 418 26.09 14.70 -20.02
C PHE A 418 25.12 13.74 -19.33
N TYR A 419 25.24 13.64 -18.00
CA TYR A 419 24.37 12.79 -17.18
C TYR A 419 23.34 13.70 -16.53
N TYR A 420 22.09 13.60 -16.99
CA TYR A 420 21.04 14.44 -16.43
C TYR A 420 20.22 13.72 -15.38
N TYR A 421 19.48 14.49 -14.59
CA TYR A 421 18.54 13.94 -13.61
C TYR A 421 17.26 13.64 -14.39
N GLN A 422 16.39 12.82 -13.83
CA GLN A 422 15.13 12.51 -14.49
C GLN A 422 14.02 12.74 -13.48
N ILE A 423 12.80 12.93 -13.97
CA ILE A 423 11.66 13.11 -13.08
C ILE A 423 11.35 11.75 -12.48
N GLU A 424 10.95 11.72 -11.21
CA GLU A 424 10.61 10.49 -10.53
C GLU A 424 9.64 9.70 -11.41
N PRO A 425 10.02 8.49 -11.83
CA PRO A 425 9.20 7.63 -12.68
C PRO A 425 7.77 7.39 -12.21
N TRP A 426 7.59 7.17 -10.91
CA TRP A 426 6.25 6.94 -10.36
C TRP A 426 5.30 8.13 -10.45
N LYS A 427 5.82 9.26 -10.92
CA LYS A 427 5.01 10.46 -11.04
C LYS A 427 4.55 10.71 -12.47
N THR A 428 5.12 9.99 -13.43
CA THR A 428 4.75 10.17 -14.83
C THR A 428 4.36 8.87 -15.51
N HIS A 429 4.55 7.75 -14.82
CA HIS A 429 4.24 6.45 -15.37
C HIS A 429 2.75 6.15 -15.44
N ILE A 430 2.32 5.59 -16.58
CA ILE A 430 0.92 5.24 -16.79
C ILE A 430 0.81 3.72 -16.62
N TRP A 431 0.22 3.32 -15.50
CA TRP A 431 0.08 1.90 -15.16
C TRP A 431 -0.78 1.11 -16.13
N GLN A 432 -0.26 -0.04 -16.57
CA GLN A 432 -0.95 -0.93 -17.50
C GLN A 432 -2.18 -1.52 -16.80
N ASN A 433 -1.97 -2.03 -15.58
CA ASN A 433 -3.03 -2.64 -14.78
C ASN A 433 -2.66 -2.65 -13.29
N GLN B 13 -49.93 -30.50 -1.33
CA GLN B 13 -49.47 -29.16 -1.65
C GLN B 13 -48.43 -28.64 -0.64
N TYR B 14 -48.43 -29.23 0.55
CA TYR B 14 -47.50 -28.83 1.60
C TYR B 14 -46.34 -29.82 1.77
N VAL B 15 -45.27 -29.36 2.40
CA VAL B 15 -44.11 -30.20 2.68
C VAL B 15 -44.14 -30.52 4.17
N ARG B 16 -44.09 -31.80 4.50
CA ARG B 16 -44.14 -32.24 5.89
C ARG B 16 -42.80 -32.04 6.60
N ILE B 17 -42.85 -31.31 7.71
CA ILE B 17 -41.68 -31.00 8.52
C ILE B 17 -41.84 -31.58 9.93
N LYS B 18 -40.79 -32.20 10.45
CA LYS B 18 -40.86 -32.81 11.77
C LYS B 18 -39.82 -32.33 12.79
N ASN B 19 -40.26 -32.23 14.04
CA ASN B 19 -39.41 -31.85 15.15
C ASN B 19 -39.24 -33.12 15.98
N TRP B 20 -38.09 -33.77 15.84
CA TRP B 20 -37.81 -35.01 16.55
C TRP B 20 -37.72 -34.88 18.06
N GLY B 21 -37.81 -33.64 18.54
CA GLY B 21 -37.76 -33.40 19.98
C GLY B 21 -39.12 -33.49 20.63
N SER B 22 -40.09 -32.77 20.06
CA SER B 22 -41.45 -32.77 20.58
C SER B 22 -42.42 -33.61 19.75
N GLY B 23 -41.93 -34.20 18.66
CA GLY B 23 -42.79 -35.01 17.79
C GLY B 23 -43.65 -34.18 16.86
N GLU B 24 -43.86 -32.90 17.21
CA GLU B 24 -44.68 -31.96 16.44
C GLU B 24 -44.44 -32.01 14.93
N ILE B 25 -45.53 -31.90 14.17
CA ILE B 25 -45.44 -31.93 12.72
C ILE B 25 -46.01 -30.61 12.18
N LEU B 26 -45.36 -30.07 11.15
CA LEU B 26 -45.80 -28.82 10.55
C LEU B 26 -45.87 -28.96 9.05
N HIS B 27 -46.79 -28.21 8.45
CA HIS B 27 -46.98 -28.25 7.00
C HIS B 27 -46.55 -26.94 6.37
N ASP B 28 -45.45 -26.98 5.61
CA ASP B 28 -44.94 -25.78 4.97
C ASP B 28 -45.57 -25.56 3.60
N THR B 29 -46.21 -24.41 3.43
CA THR B 29 -46.85 -24.04 2.18
C THR B 29 -46.21 -22.78 1.61
N LEU B 30 -45.58 -22.01 2.51
CA LEU B 30 -44.93 -20.76 2.14
C LEU B 30 -43.79 -20.92 1.14
N HIS B 31 -43.20 -22.10 1.07
CA HIS B 31 -42.09 -22.35 0.15
C HIS B 31 -42.49 -22.19 -1.32
N HIS B 32 -43.77 -22.00 -1.59
CA HIS B 32 -44.25 -21.82 -2.95
C HIS B 32 -44.02 -20.38 -3.44
N LYS B 33 -43.83 -19.46 -2.51
CA LYS B 33 -43.58 -18.06 -2.83
C LYS B 33 -42.11 -17.86 -3.11
N ALA B 34 -41.36 -18.95 -3.09
CA ALA B 34 -39.93 -18.94 -3.33
C ALA B 34 -39.58 -18.88 -4.81
N THR B 35 -40.34 -18.10 -5.57
CA THR B 35 -40.13 -17.95 -7.02
C THR B 35 -38.80 -17.23 -7.30
N SER B 36 -37.76 -17.61 -6.56
CA SER B 36 -36.43 -17.03 -6.67
C SER B 36 -35.47 -18.06 -7.27
N CYS B 45 -26.02 -31.35 -3.63
CA CYS B 45 -26.38 -30.18 -2.84
C CYS B 45 -25.16 -29.39 -2.40
N LEU B 46 -25.24 -28.08 -2.62
CA LEU B 46 -24.21 -27.12 -2.22
C LEU B 46 -24.58 -26.89 -0.77
N GLY B 47 -24.44 -27.91 0.06
CA GLY B 47 -24.79 -27.88 1.45
C GLY B 47 -24.16 -26.86 2.38
N SER B 48 -22.85 -26.98 2.59
CA SER B 48 -22.15 -26.08 3.49
C SER B 48 -21.30 -25.01 2.80
N ILE B 49 -21.86 -24.38 1.77
CA ILE B 49 -21.16 -23.31 1.06
C ILE B 49 -21.43 -21.98 1.76
N MET B 50 -20.34 -21.30 2.10
CA MET B 50 -20.42 -20.02 2.81
C MET B 50 -21.16 -18.93 2.02
N ASN B 51 -20.60 -18.55 0.87
CA ASN B 51 -21.18 -17.51 0.04
C ASN B 51 -21.60 -17.98 -1.34
N PRO B 52 -22.71 -18.72 -1.44
CA PRO B 52 -23.16 -19.21 -2.75
C PRO B 52 -23.75 -18.07 -3.58
N LYS B 53 -23.69 -18.22 -4.90
CA LYS B 53 -24.20 -17.19 -5.81
C LYS B 53 -25.70 -17.00 -5.65
N SER B 54 -26.40 -18.06 -5.27
CA SER B 54 -27.84 -17.99 -5.07
C SER B 54 -28.22 -16.99 -4.00
N LEU B 55 -27.30 -16.73 -3.07
CA LEU B 55 -27.52 -15.78 -1.99
C LEU B 55 -26.80 -14.46 -2.22
N THR B 56 -26.27 -14.27 -3.42
CA THR B 56 -25.55 -13.07 -3.79
C THR B 56 -26.22 -12.30 -4.93
N ARG B 57 -26.28 -10.98 -4.78
CA ARG B 57 -26.88 -10.12 -5.79
C ARG B 57 -25.75 -9.18 -6.20
N GLY B 58 -25.13 -9.50 -7.33
CA GLY B 58 -24.00 -8.73 -7.85
C GLY B 58 -24.32 -7.36 -8.42
N PRO B 59 -23.30 -6.68 -8.96
CA PRO B 59 -23.40 -5.35 -9.56
C PRO B 59 -24.05 -5.30 -10.95
N ARG B 60 -24.35 -4.09 -11.40
CA ARG B 60 -24.95 -3.86 -12.71
C ARG B 60 -24.33 -2.62 -13.35
N ASP B 61 -24.54 -2.46 -14.66
CA ASP B 61 -24.03 -1.29 -15.39
C ASP B 61 -25.16 -0.70 -16.25
N LYS B 62 -26.35 -1.26 -16.06
CA LYS B 62 -27.55 -0.82 -16.76
C LYS B 62 -28.72 -1.05 -15.82
N PRO B 63 -29.74 -0.20 -15.89
CA PRO B 63 -30.92 -0.36 -15.02
C PRO B 63 -31.63 -1.70 -15.22
N THR B 64 -32.30 -2.18 -14.18
CA THR B 64 -33.03 -3.44 -14.27
C THR B 64 -34.07 -3.39 -15.40
N PRO B 65 -34.03 -4.38 -16.32
CA PRO B 65 -34.96 -4.46 -17.44
C PRO B 65 -36.42 -4.37 -17.01
N LEU B 66 -37.18 -3.57 -17.74
CA LEU B 66 -38.60 -3.34 -17.48
C LEU B 66 -39.36 -4.65 -17.25
N GLU B 67 -39.18 -5.62 -18.15
CA GLU B 67 -39.87 -6.90 -18.06
C GLU B 67 -39.57 -7.68 -16.78
N GLU B 68 -38.41 -7.42 -16.20
CA GLU B 68 -37.99 -8.08 -14.97
C GLU B 68 -38.44 -7.30 -13.72
N LEU B 69 -38.34 -5.98 -13.78
CA LEU B 69 -38.73 -5.10 -12.67
C LEU B 69 -40.22 -5.02 -12.35
N LEU B 70 -41.03 -4.79 -13.38
CA LEU B 70 -42.47 -4.66 -13.23
C LEU B 70 -43.20 -5.79 -12.49
N PRO B 71 -42.93 -7.06 -12.85
CA PRO B 71 -43.60 -8.18 -12.18
C PRO B 71 -43.25 -8.23 -10.68
N HIS B 72 -42.00 -7.89 -10.36
CA HIS B 72 -41.54 -7.87 -8.97
C HIS B 72 -42.22 -6.73 -8.19
N ALA B 73 -42.34 -5.58 -8.84
CA ALA B 73 -42.97 -4.42 -8.23
C ALA B 73 -44.41 -4.70 -7.85
N ILE B 74 -45.16 -5.26 -8.80
CA ILE B 74 -46.56 -5.57 -8.58
C ILE B 74 -46.72 -6.60 -7.47
N GLU B 75 -45.79 -7.55 -7.41
CA GLU B 75 -45.79 -8.60 -6.40
C GLU B 75 -45.62 -7.98 -4.99
N PHE B 76 -44.66 -7.06 -4.86
CA PHE B 76 -44.42 -6.38 -3.58
C PHE B 76 -45.62 -5.53 -3.13
N ILE B 77 -46.16 -4.72 -4.05
CA ILE B 77 -47.31 -3.88 -3.74
C ILE B 77 -48.46 -4.74 -3.23
N ASN B 78 -48.67 -5.89 -3.88
CA ASN B 78 -49.75 -6.80 -3.46
C ASN B 78 -49.49 -7.33 -2.06
N GLN B 79 -48.25 -7.71 -1.78
CA GLN B 79 -47.87 -8.25 -0.47
C GLN B 79 -48.05 -7.19 0.62
N TYR B 80 -47.58 -5.98 0.32
CA TYR B 80 -47.68 -4.85 1.24
C TYR B 80 -49.13 -4.56 1.60
N TYR B 81 -49.96 -4.28 0.59
CA TYR B 81 -51.37 -3.99 0.83
C TYR B 81 -52.12 -5.18 1.39
N GLY B 82 -51.57 -6.37 1.18
CA GLY B 82 -52.20 -7.57 1.69
C GLY B 82 -51.88 -7.86 3.15
N SER B 83 -51.01 -7.04 3.74
CA SER B 83 -50.62 -7.22 5.13
C SER B 83 -51.53 -6.44 6.09
N PHE B 84 -52.31 -5.52 5.54
CA PHE B 84 -53.23 -4.72 6.33
C PHE B 84 -54.35 -5.60 6.88
N LYS B 85 -54.58 -5.53 8.18
CA LYS B 85 -55.63 -6.33 8.81
C LYS B 85 -56.99 -5.79 8.35
N GLU B 86 -57.00 -4.51 7.97
CA GLU B 86 -58.18 -3.82 7.47
C GLU B 86 -57.89 -3.44 6.02
N ALA B 87 -58.28 -4.32 5.11
CA ALA B 87 -58.06 -4.12 3.68
C ALA B 87 -58.48 -2.76 3.12
N LYS B 88 -57.59 -2.15 2.33
CA LYS B 88 -57.86 -0.87 1.69
C LYS B 88 -57.84 -1.08 0.18
N ILE B 89 -58.92 -1.71 -0.30
CA ILE B 89 -59.10 -2.04 -1.71
C ILE B 89 -58.76 -0.93 -2.69
N GLU B 90 -59.32 0.26 -2.47
CA GLU B 90 -59.10 1.38 -3.36
C GLU B 90 -57.65 1.84 -3.44
N GLU B 91 -57.03 2.05 -2.28
CA GLU B 91 -55.64 2.51 -2.22
C GLU B 91 -54.70 1.52 -2.89
N HIS B 92 -55.00 0.23 -2.74
CA HIS B 92 -54.22 -0.85 -3.32
C HIS B 92 -54.19 -0.72 -4.85
N LEU B 93 -55.36 -0.69 -5.47
CA LEU B 93 -55.47 -0.57 -6.93
C LEU B 93 -54.80 0.71 -7.44
N ALA B 94 -55.09 1.83 -6.78
CA ALA B 94 -54.50 3.12 -7.17
C ALA B 94 -52.97 3.05 -7.19
N ARG B 95 -52.39 2.41 -6.16
CA ARG B 95 -50.94 2.26 -6.05
C ARG B 95 -50.41 1.33 -7.15
N LEU B 96 -51.12 0.21 -7.36
CA LEU B 96 -50.74 -0.76 -8.40
C LEU B 96 -50.64 -0.05 -9.74
N GLU B 97 -51.62 0.80 -10.01
CA GLU B 97 -51.67 1.57 -11.25
C GLU B 97 -50.55 2.60 -11.32
N ALA B 98 -50.38 3.36 -10.23
CA ALA B 98 -49.37 4.40 -10.15
C ALA B 98 -47.95 3.87 -10.37
N VAL B 99 -47.59 2.82 -9.61
CA VAL B 99 -46.26 2.21 -9.73
C VAL B 99 -46.01 1.68 -11.16
N THR B 100 -47.02 1.00 -11.70
CA THR B 100 -46.92 0.44 -13.05
C THR B 100 -46.58 1.53 -14.07
N LYS B 101 -47.28 2.65 -14.00
CA LYS B 101 -47.05 3.74 -14.94
C LYS B 101 -45.70 4.43 -14.71
N GLU B 102 -45.35 4.57 -13.42
CA GLU B 102 -44.09 5.20 -13.06
C GLU B 102 -42.92 4.44 -13.66
N ILE B 103 -42.97 3.11 -13.57
CA ILE B 103 -41.93 2.23 -14.11
C ILE B 103 -41.87 2.29 -15.64
N GLU B 104 -43.02 2.23 -16.31
CA GLU B 104 -43.07 2.29 -17.76
C GLU B 104 -42.57 3.62 -18.34
N THR B 105 -42.84 4.72 -17.63
CA THR B 105 -42.40 6.04 -18.10
C THR B 105 -41.01 6.46 -17.66
N THR B 106 -40.59 6.05 -16.47
CA THR B 106 -39.28 6.41 -15.94
C THR B 106 -38.26 5.28 -15.91
N GLY B 107 -38.76 4.04 -16.03
CA GLY B 107 -37.89 2.89 -16.00
C GLY B 107 -37.54 2.44 -14.59
N THR B 108 -38.31 2.91 -13.61
CA THR B 108 -38.08 2.57 -12.20
C THR B 108 -39.19 3.16 -11.33
N TYR B 109 -39.07 3.02 -10.01
CA TYR B 109 -40.05 3.58 -9.11
C TYR B 109 -39.54 3.81 -7.69
N GLN B 110 -40.20 4.71 -6.98
CA GLN B 110 -39.82 5.05 -5.62
C GLN B 110 -40.86 4.49 -4.64
N LEU B 111 -40.37 3.97 -3.52
CA LEU B 111 -41.24 3.44 -2.46
C LEU B 111 -41.70 4.52 -1.49
N THR B 112 -42.79 4.27 -0.77
CA THR B 112 -43.29 5.22 0.23
C THR B 112 -42.56 4.82 1.52
N LEU B 113 -42.43 5.75 2.46
CA LEU B 113 -41.74 5.44 3.73
C LEU B 113 -42.33 4.19 4.39
N ASP B 114 -43.66 4.09 4.41
CA ASP B 114 -44.32 2.94 5.02
C ASP B 114 -43.97 1.63 4.31
N GLU B 115 -43.90 1.68 2.98
CA GLU B 115 -43.55 0.51 2.18
C GLU B 115 -42.14 0.05 2.49
N LEU B 116 -41.19 0.99 2.53
CA LEU B 116 -39.80 0.70 2.84
C LEU B 116 -39.68 0.07 4.23
N ILE B 117 -40.36 0.69 5.20
CA ILE B 117 -40.36 0.20 6.57
C ILE B 117 -40.82 -1.25 6.59
N PHE B 118 -41.92 -1.50 5.87
CA PHE B 118 -42.50 -2.82 5.77
C PHE B 118 -41.52 -3.79 5.14
N ALA B 119 -40.79 -3.31 4.13
CA ALA B 119 -39.81 -4.10 3.40
C ALA B 119 -38.62 -4.54 4.26
N THR B 120 -38.06 -3.61 5.04
CA THR B 120 -36.91 -3.93 5.90
C THR B 120 -37.27 -5.00 6.92
N LYS B 121 -38.47 -4.89 7.50
CA LYS B 121 -38.93 -5.87 8.48
C LYS B 121 -39.18 -7.24 7.85
N MET B 122 -39.80 -7.25 6.66
CA MET B 122 -40.08 -8.51 5.95
C MET B 122 -38.79 -9.18 5.53
N ALA B 123 -37.83 -8.39 5.05
CA ALA B 123 -36.53 -8.94 4.63
C ALA B 123 -35.87 -9.62 5.82
N TRP B 124 -35.95 -8.99 6.99
CA TRP B 124 -35.36 -9.57 8.19
C TRP B 124 -36.14 -10.86 8.50
N ARG B 125 -37.46 -10.75 8.47
CA ARG B 125 -38.36 -11.88 8.70
C ARG B 125 -38.02 -13.04 7.75
N ASN B 126 -37.51 -12.69 6.56
CA ASN B 126 -37.15 -13.66 5.55
C ASN B 126 -35.66 -14.06 5.53
N ALA B 127 -34.90 -13.69 6.57
CA ALA B 127 -33.47 -14.02 6.64
C ALA B 127 -33.32 -15.42 7.25
N PRO B 128 -33.13 -16.43 6.39
CA PRO B 128 -32.98 -17.81 6.85
C PRO B 128 -31.87 -18.10 7.84
N ARG B 129 -30.90 -17.22 7.89
CA ARG B 129 -29.75 -17.42 8.76
C ARG B 129 -29.79 -16.72 10.11
N CYS B 130 -30.82 -15.91 10.33
CA CYS B 130 -30.97 -15.16 11.58
C CYS B 130 -31.79 -15.89 12.64
N ILE B 131 -31.18 -16.08 13.81
CA ILE B 131 -31.85 -16.75 14.93
C ILE B 131 -32.70 -15.76 15.76
N GLY B 132 -32.52 -14.47 15.53
CA GLY B 132 -33.25 -13.48 16.31
C GLY B 132 -34.50 -12.89 15.68
N ARG B 133 -35.03 -13.58 14.67
CA ARG B 133 -36.20 -13.10 13.94
C ARG B 133 -37.51 -12.94 14.70
N ILE B 134 -37.56 -13.35 15.97
CA ILE B 134 -38.76 -13.13 16.75
C ILE B 134 -38.95 -11.62 16.95
N GLN B 135 -37.85 -10.87 16.79
CA GLN B 135 -37.84 -9.42 16.96
C GLN B 135 -38.07 -8.70 15.64
N TRP B 136 -38.34 -9.46 14.59
CA TRP B 136 -38.52 -8.91 13.24
C TRP B 136 -39.37 -7.66 13.08
N SER B 137 -40.44 -7.56 13.86
CA SER B 137 -41.33 -6.39 13.77
C SER B 137 -40.84 -5.19 14.57
N ASN B 138 -39.84 -5.40 15.43
CA ASN B 138 -39.27 -4.33 16.26
C ASN B 138 -37.96 -3.84 15.62
N LEU B 139 -38.09 -2.87 14.71
CA LEU B 139 -36.94 -2.34 14.01
C LEU B 139 -37.08 -0.87 13.65
N GLN B 140 -36.11 -0.06 14.07
CA GLN B 140 -36.13 1.37 13.75
C GLN B 140 -35.54 1.56 12.35
N VAL B 141 -36.19 2.40 11.54
CA VAL B 141 -35.74 2.65 10.18
C VAL B 141 -35.30 4.08 9.95
N PHE B 142 -34.09 4.24 9.43
CA PHE B 142 -33.56 5.56 9.13
C PHE B 142 -33.53 5.74 7.62
N ASP B 143 -34.37 6.63 7.11
CA ASP B 143 -34.45 6.91 5.68
C ASP B 143 -33.39 7.91 5.22
N ALA B 144 -32.36 7.40 4.55
CA ALA B 144 -31.28 8.23 4.04
C ALA B 144 -31.24 8.15 2.52
N ARG B 145 -32.39 7.91 1.90
CA ARG B 145 -32.47 7.80 0.44
C ARG B 145 -32.18 9.12 -0.28
N ASN B 146 -32.09 10.21 0.48
CA ASN B 146 -31.81 11.53 -0.09
C ASN B 146 -30.33 11.89 0.08
N CYS B 147 -29.55 10.96 0.62
CA CYS B 147 -28.12 11.15 0.85
C CYS B 147 -27.39 11.41 -0.47
N SER B 148 -26.28 12.15 -0.43
CA SER B 148 -25.55 12.46 -1.66
C SER B 148 -24.04 12.33 -1.57
N THR B 149 -23.49 12.61 -0.39
CA THR B 149 -22.04 12.53 -0.22
C THR B 149 -21.59 11.54 0.85
N ALA B 150 -20.31 11.20 0.82
CA ALA B 150 -19.71 10.27 1.79
C ALA B 150 -19.81 10.86 3.20
N GLN B 151 -19.53 12.16 3.32
CA GLN B 151 -19.59 12.87 4.59
C GLN B 151 -21.01 12.74 5.16
N GLU B 152 -22.00 12.78 4.29
CA GLU B 152 -23.38 12.62 4.70
C GLU B 152 -23.64 11.18 5.15
N MET B 153 -23.05 10.21 4.45
CA MET B 153 -23.20 8.81 4.83
C MET B 153 -22.65 8.60 6.23
N PHE B 154 -21.46 9.15 6.45
CA PHE B 154 -20.76 9.06 7.73
C PHE B 154 -21.62 9.62 8.86
N GLN B 155 -22.28 10.74 8.61
CA GLN B 155 -23.12 11.37 9.61
C GLN B 155 -24.32 10.49 9.92
N HIS B 156 -24.86 9.86 8.89
CA HIS B 156 -26.02 8.97 9.06
C HIS B 156 -25.64 7.73 9.86
N ILE B 157 -24.50 7.15 9.51
CA ILE B 157 -23.99 5.98 10.18
C ILE B 157 -23.72 6.28 11.66
N CYS B 158 -23.17 7.45 11.96
CA CYS B 158 -22.88 7.85 13.34
C CYS B 158 -24.17 7.96 14.13
N ARG B 159 -25.19 8.54 13.51
CA ARG B 159 -26.49 8.70 14.16
C ARG B 159 -27.06 7.30 14.45
N HIS B 160 -26.84 6.38 13.52
CA HIS B 160 -27.32 5.02 13.65
C HIS B 160 -26.66 4.36 14.86
N ILE B 161 -25.34 4.34 14.86
CA ILE B 161 -24.56 3.75 15.93
C ILE B 161 -24.99 4.29 17.29
N LEU B 162 -25.15 5.60 17.37
CA LEU B 162 -25.56 6.26 18.60
C LEU B 162 -26.93 5.80 19.08
N TYR B 163 -27.90 5.80 18.18
CA TYR B 163 -29.27 5.37 18.50
C TYR B 163 -29.30 3.90 18.91
N ALA B 164 -28.64 3.07 18.10
CA ALA B 164 -28.60 1.63 18.32
C ALA B 164 -27.94 1.23 19.62
N THR B 165 -26.84 1.92 19.97
CA THR B 165 -26.08 1.62 21.18
C THR B 165 -26.89 1.95 22.43
N ASN B 166 -27.54 3.10 22.39
CA ASN B 166 -28.40 3.58 23.45
C ASN B 166 -27.89 3.32 24.88
N ASN B 167 -26.60 3.58 25.08
CA ASN B 167 -25.96 3.42 26.39
C ASN B 167 -26.02 1.99 26.94
N GLY B 168 -25.89 1.00 26.05
CA GLY B 168 -25.95 -0.38 26.46
C GLY B 168 -27.30 -1.05 26.24
N ASN B 169 -28.39 -0.29 26.28
CA ASN B 169 -29.72 -0.87 26.03
C ASN B 169 -29.90 -0.91 24.51
N ILE B 170 -29.22 -1.87 23.86
CA ILE B 170 -29.23 -2.01 22.41
C ILE B 170 -30.61 -2.03 21.74
N ARG B 171 -30.72 -1.30 20.63
CA ARG B 171 -31.94 -1.22 19.85
C ARG B 171 -31.64 -1.54 18.39
N SER B 172 -32.46 -2.40 17.81
CA SER B 172 -32.31 -2.82 16.41
C SER B 172 -32.69 -1.67 15.49
N ALA B 173 -31.87 -1.42 14.49
CA ALA B 173 -32.13 -0.35 13.56
C ALA B 173 -31.50 -0.61 12.20
N ILE B 174 -31.92 0.17 11.21
CA ILE B 174 -31.39 0.04 9.86
C ILE B 174 -31.44 1.39 9.15
N THR B 175 -30.38 1.70 8.42
CA THR B 175 -30.32 2.94 7.67
C THR B 175 -30.36 2.59 6.19
N VAL B 176 -31.35 3.14 5.48
CA VAL B 176 -31.50 2.87 4.06
C VAL B 176 -30.96 4.01 3.21
N PHE B 177 -29.94 3.71 2.44
CA PHE B 177 -29.32 4.68 1.53
C PHE B 177 -29.99 4.62 0.15
N PRO B 178 -29.69 5.57 -0.75
CA PRO B 178 -30.29 5.60 -2.09
C PRO B 178 -30.18 4.30 -2.86
N GLN B 179 -31.31 3.83 -3.39
CA GLN B 179 -31.37 2.60 -4.16
C GLN B 179 -30.52 2.68 -5.41
N ARG B 180 -30.14 1.53 -5.92
CA ARG B 180 -29.34 1.45 -7.14
C ARG B 180 -30.12 2.01 -8.33
N SER B 181 -29.47 2.87 -9.11
CA SER B 181 -30.09 3.46 -10.28
C SER B 181 -29.68 2.67 -11.52
N ASP B 182 -28.49 2.97 -12.05
CA ASP B 182 -28.01 2.27 -13.24
C ASP B 182 -26.88 1.31 -12.91
N GLY B 183 -26.49 1.28 -11.65
CA GLY B 183 -25.42 0.39 -11.22
C GLY B 183 -24.05 1.04 -11.24
N LYS B 184 -23.97 2.26 -11.74
CA LYS B 184 -22.70 3.00 -11.82
C LYS B 184 -22.62 4.04 -10.70
N HIS B 185 -23.73 4.24 -10.01
CA HIS B 185 -23.77 5.23 -8.94
C HIS B 185 -24.19 4.61 -7.61
N ASP B 186 -23.70 3.40 -7.36
CA ASP B 186 -23.99 2.65 -6.14
C ASP B 186 -23.42 3.21 -4.85
N PHE B 187 -24.26 3.25 -3.82
CA PHE B 187 -23.80 3.68 -2.50
C PHE B 187 -23.36 2.37 -1.86
N ARG B 188 -22.15 2.34 -1.32
CA ARG B 188 -21.64 1.13 -0.70
C ARG B 188 -20.77 1.35 0.53
N LEU B 189 -20.88 0.43 1.48
CA LEU B 189 -20.05 0.46 2.68
C LEU B 189 -19.07 -0.69 2.44
N TRP B 190 -17.78 -0.37 2.42
CA TRP B 190 -16.76 -1.40 2.19
C TRP B 190 -16.54 -2.30 3.39
N ASN B 191 -16.93 -1.82 4.57
CA ASN B 191 -16.78 -2.59 5.79
C ASN B 191 -17.77 -3.77 5.79
N SER B 192 -17.40 -4.83 6.50
CA SER B 192 -18.25 -5.99 6.60
C SER B 192 -19.23 -5.73 7.74
N GLN B 193 -18.78 -4.96 8.72
CA GLN B 193 -19.61 -4.61 9.86
C GLN B 193 -19.27 -3.18 10.26
N LEU B 194 -20.22 -2.48 10.87
CA LEU B 194 -19.95 -1.10 11.27
C LEU B 194 -18.78 -1.01 12.24
N ILE B 195 -18.81 -1.80 13.30
CA ILE B 195 -17.73 -1.82 14.29
C ILE B 195 -17.00 -3.15 14.11
N ARG B 196 -15.68 -3.07 13.94
CA ARG B 196 -14.87 -4.27 13.73
C ARG B 196 -13.42 -3.94 14.10
N TYR B 197 -12.71 -4.91 14.68
CA TYR B 197 -11.33 -4.71 15.09
C TYR B 197 -10.36 -4.99 13.98
N ALA B 198 -9.24 -4.27 13.99
CA ALA B 198 -8.19 -4.41 13.00
C ALA B 198 -7.28 -5.60 13.25
N GLY B 199 -6.67 -6.09 12.17
CA GLY B 199 -5.75 -7.21 12.24
C GLY B 199 -4.45 -6.83 11.54
N TYR B 200 -3.33 -6.95 12.26
CA TYR B 200 -2.03 -6.59 11.71
C TYR B 200 -1.10 -7.77 11.55
N GLN B 201 -0.44 -7.85 10.39
CA GLN B 201 0.52 -8.91 10.11
C GLN B 201 1.86 -8.36 10.60
N MET B 202 2.05 -8.39 11.92
CA MET B 202 3.25 -7.88 12.58
C MET B 202 4.56 -8.38 11.96
N PRO B 203 5.64 -7.59 12.14
CA PRO B 203 7.00 -7.85 11.63
C PRO B 203 7.53 -9.26 11.94
N ASP B 204 7.47 -9.66 13.21
CA ASP B 204 7.94 -10.97 13.65
C ASP B 204 7.13 -12.17 13.12
N GLY B 205 6.19 -11.89 12.22
CA GLY B 205 5.37 -12.94 11.62
C GLY B 205 4.10 -13.27 12.38
N THR B 206 4.02 -12.85 13.64
CA THR B 206 2.84 -13.12 14.46
C THR B 206 1.70 -12.16 14.13
N ILE B 207 0.48 -12.67 14.11
CA ILE B 207 -0.70 -11.86 13.83
C ILE B 207 -1.22 -11.20 15.10
N ARG B 208 -1.62 -9.93 14.98
CA ARG B 208 -2.14 -9.19 16.12
C ARG B 208 -3.53 -8.65 15.78
N GLY B 209 -4.43 -8.69 16.77
CA GLY B 209 -5.79 -8.21 16.59
C GLY B 209 -6.67 -9.26 15.94
N ASP B 210 -7.63 -8.83 15.14
CA ASP B 210 -8.54 -9.75 14.47
C ASP B 210 -7.98 -10.26 13.15
N ALA B 211 -7.46 -11.49 13.16
CA ALA B 211 -6.88 -12.10 11.97
C ALA B 211 -7.82 -12.18 10.77
N ALA B 212 -9.12 -12.06 11.02
CA ALA B 212 -10.09 -12.14 9.93
C ALA B 212 -10.18 -10.85 9.12
N THR B 213 -9.67 -9.76 9.68
CA THR B 213 -9.70 -8.47 8.98
C THR B 213 -8.34 -8.05 8.42
N LEU B 214 -7.40 -8.99 8.25
CA LEU B 214 -6.07 -8.70 7.73
C LEU B 214 -6.06 -7.92 6.42
N GLU B 215 -6.72 -8.47 5.42
CA GLU B 215 -6.80 -7.85 4.11
C GLU B 215 -7.48 -6.48 4.14
N PHE B 216 -8.66 -6.41 4.75
CA PHE B 216 -9.41 -5.15 4.83
C PHE B 216 -8.65 -4.09 5.61
N THR B 217 -7.92 -4.52 6.64
CA THR B 217 -7.13 -3.59 7.44
C THR B 217 -6.09 -2.93 6.56
N GLN B 218 -5.45 -3.73 5.71
CA GLN B 218 -4.43 -3.22 4.81
C GLN B 218 -5.03 -2.19 3.86
N LEU B 219 -6.20 -2.49 3.31
CA LEU B 219 -6.86 -1.58 2.40
C LEU B 219 -7.10 -0.23 3.06
N CYS B 220 -7.43 -0.25 4.34
CA CYS B 220 -7.66 0.98 5.07
C CYS B 220 -6.37 1.76 5.18
N ILE B 221 -5.26 1.04 5.34
CA ILE B 221 -3.96 1.65 5.45
C ILE B 221 -3.54 2.22 4.10
N ASP B 222 -3.92 1.51 3.03
CA ASP B 222 -3.61 1.92 1.66
C ASP B 222 -4.43 3.14 1.26
N LEU B 223 -5.44 3.47 2.06
CA LEU B 223 -6.29 4.62 1.77
C LEU B 223 -6.01 5.81 2.68
N GLY B 224 -4.95 5.71 3.48
CA GLY B 224 -4.57 6.80 4.36
C GLY B 224 -4.86 6.66 5.83
N TRP B 225 -5.41 5.53 6.25
CA TRP B 225 -5.71 5.32 7.67
C TRP B 225 -4.44 5.01 8.45
N LYS B 226 -4.30 5.65 9.61
CA LYS B 226 -3.14 5.45 10.46
C LYS B 226 -3.31 4.24 11.37
N PRO B 227 -2.54 3.17 11.13
CA PRO B 227 -2.59 1.94 11.93
C PRO B 227 -2.01 2.15 13.33
N ARG B 228 -2.72 1.68 14.34
CA ARG B 228 -2.27 1.83 15.72
C ARG B 228 -1.69 0.55 16.32
N TYR B 229 -1.55 -0.48 15.48
CA TYR B 229 -1.00 -1.78 15.88
C TYR B 229 -1.36 -2.33 17.26
N GLY B 230 -2.65 -2.30 17.58
CA GLY B 230 -3.15 -2.80 18.84
C GLY B 230 -3.97 -4.08 18.68
N ARG B 231 -4.40 -4.65 19.79
CA ARG B 231 -5.20 -5.87 19.75
C ARG B 231 -6.66 -5.60 19.44
N PHE B 232 -7.15 -4.42 19.85
CA PHE B 232 -8.53 -4.04 19.62
C PHE B 232 -8.70 -2.64 19.01
N ASP B 233 -8.13 -2.44 17.83
CA ASP B 233 -8.25 -1.14 17.16
C ASP B 233 -9.48 -1.14 16.26
N VAL B 234 -10.43 -0.28 16.59
CA VAL B 234 -11.65 -0.14 15.81
C VAL B 234 -11.32 0.41 14.42
N LEU B 235 -11.65 -0.38 13.40
CA LEU B 235 -11.42 0.01 12.02
C LEU B 235 -12.27 1.22 11.62
N PRO B 236 -11.80 1.98 10.63
CA PRO B 236 -12.56 3.16 10.17
C PRO B 236 -13.61 2.78 9.12
N LEU B 237 -14.58 3.65 8.93
CA LEU B 237 -15.63 3.45 7.93
C LEU B 237 -15.08 3.83 6.55
N VAL B 238 -15.19 2.91 5.59
CA VAL B 238 -14.73 3.16 4.22
C VAL B 238 -16.03 3.28 3.43
N LEU B 239 -16.39 4.53 3.12
CA LEU B 239 -17.64 4.81 2.43
C LEU B 239 -17.58 5.23 0.96
N GLN B 240 -18.40 4.57 0.16
CA GLN B 240 -18.53 4.85 -1.28
C GLN B 240 -19.90 5.49 -1.51
N ALA B 241 -19.91 6.75 -1.93
CA ALA B 241 -21.16 7.47 -2.18
C ALA B 241 -21.37 7.77 -3.67
N ASP B 242 -22.62 7.61 -4.12
CA ASP B 242 -22.99 7.86 -5.52
C ASP B 242 -22.01 7.30 -6.56
N GLY B 243 -21.45 6.14 -6.26
CA GLY B 243 -20.51 5.51 -7.18
C GLY B 243 -19.09 6.06 -7.15
N GLN B 244 -18.88 7.17 -6.43
CA GLN B 244 -17.56 7.78 -6.32
C GLN B 244 -16.53 6.86 -5.62
N ASP B 245 -15.31 7.38 -5.47
CA ASP B 245 -14.27 6.61 -4.80
C ASP B 245 -14.52 6.64 -3.30
N PRO B 246 -14.22 5.52 -2.61
CA PRO B 246 -14.41 5.40 -1.16
C PRO B 246 -13.56 6.33 -0.31
N GLU B 247 -14.19 6.96 0.67
CA GLU B 247 -13.51 7.85 1.59
C GLU B 247 -13.40 7.21 2.97
N VAL B 248 -12.28 7.47 3.64
CA VAL B 248 -12.03 6.89 4.96
C VAL B 248 -12.45 7.84 6.09
N PHE B 249 -13.22 7.32 7.04
CA PHE B 249 -13.69 8.11 8.18
C PHE B 249 -13.49 7.32 9.49
N GLU B 250 -12.78 7.92 10.44
CA GLU B 250 -12.58 7.26 11.72
C GLU B 250 -13.82 7.40 12.58
N ILE B 251 -14.24 6.31 13.20
CA ILE B 251 -15.42 6.32 14.05
C ILE B 251 -15.09 6.97 15.39
N PRO B 252 -15.86 7.99 15.78
CA PRO B 252 -15.64 8.69 17.05
C PRO B 252 -15.71 7.71 18.22
N PRO B 253 -14.59 7.52 18.94
CA PRO B 253 -14.48 6.61 20.09
C PRO B 253 -15.61 6.71 21.10
N ASP B 254 -16.22 7.88 21.23
CA ASP B 254 -17.31 8.07 22.18
C ASP B 254 -18.55 7.28 21.74
N LEU B 255 -18.57 6.89 20.49
CA LEU B 255 -19.70 6.16 19.95
C LEU B 255 -19.53 4.65 19.99
N VAL B 256 -18.32 4.17 20.23
CA VAL B 256 -18.04 2.74 20.28
C VAL B 256 -18.03 2.20 21.71
N LEU B 257 -19.17 1.64 22.13
CA LEU B 257 -19.30 1.08 23.47
C LEU B 257 -18.63 -0.29 23.50
N GLU B 258 -17.80 -0.51 24.51
CA GLU B 258 -17.11 -1.79 24.66
C GLU B 258 -17.35 -2.40 26.03
N VAL B 259 -17.15 -3.72 26.12
CA VAL B 259 -17.31 -4.47 27.36
C VAL B 259 -16.00 -5.18 27.70
N THR B 260 -15.46 -4.92 28.88
CA THR B 260 -14.22 -5.56 29.32
C THR B 260 -14.57 -6.94 29.88
N MET B 261 -13.85 -7.96 29.44
CA MET B 261 -14.12 -9.33 29.87
C MET B 261 -13.63 -9.75 31.25
N GLU B 262 -14.58 -10.09 32.11
CA GLU B 262 -14.30 -10.55 33.48
C GLU B 262 -15.05 -11.87 33.75
N HIS B 263 -14.42 -12.76 34.50
CA HIS B 263 -15.04 -14.02 34.87
C HIS B 263 -15.56 -13.91 36.31
N PRO B 264 -16.75 -14.43 36.59
CA PRO B 264 -17.34 -14.38 37.93
C PRO B 264 -16.55 -15.08 39.04
N LYS B 265 -15.71 -16.04 38.66
CA LYS B 265 -14.92 -16.77 39.63
C LYS B 265 -13.43 -16.69 39.38
N TYR B 266 -13.03 -16.73 38.11
CA TYR B 266 -11.62 -16.66 37.75
C TYR B 266 -11.14 -15.22 37.69
N GLU B 267 -10.47 -14.77 38.73
CA GLU B 267 -9.96 -13.41 38.79
C GLU B 267 -8.85 -13.17 37.77
N TRP B 268 -8.19 -14.23 37.34
CA TRP B 268 -7.12 -14.11 36.36
C TRP B 268 -7.63 -13.87 34.94
N PHE B 269 -8.94 -14.01 34.74
CA PHE B 269 -9.53 -13.83 33.42
C PHE B 269 -9.31 -12.41 32.86
N GLN B 270 -9.47 -11.41 33.72
CA GLN B 270 -9.28 -10.03 33.29
C GLN B 270 -7.82 -9.72 32.95
N GLU B 271 -6.91 -10.58 33.40
CA GLU B 271 -5.48 -10.43 33.12
C GLU B 271 -5.23 -10.77 31.66
N LEU B 272 -6.24 -11.36 31.02
CA LEU B 272 -6.13 -11.71 29.61
C LEU B 272 -6.21 -10.44 28.76
N GLY B 273 -6.79 -9.40 29.35
CA GLY B 273 -6.95 -8.12 28.68
C GLY B 273 -7.88 -8.16 27.48
N LEU B 274 -8.93 -8.96 27.58
CA LEU B 274 -9.88 -9.09 26.49
C LEU B 274 -11.08 -8.19 26.64
N LYS B 275 -11.63 -7.79 25.50
CA LYS B 275 -12.84 -6.97 25.47
C LYS B 275 -13.50 -7.13 24.11
N TRP B 276 -14.71 -6.60 23.97
CA TRP B 276 -15.39 -6.68 22.68
C TRP B 276 -16.41 -5.56 22.55
N TYR B 277 -16.73 -5.19 21.32
CA TYR B 277 -17.73 -4.15 21.08
C TYR B 277 -19.15 -4.72 21.31
N ALA B 278 -20.05 -3.88 21.78
CA ALA B 278 -21.41 -4.26 22.10
C ALA B 278 -22.40 -4.22 20.95
N LEU B 279 -21.97 -3.68 19.80
CA LEU B 279 -22.88 -3.51 18.67
C LEU B 279 -22.58 -4.32 17.42
N PRO B 280 -23.36 -5.39 17.19
CA PRO B 280 -23.21 -6.26 16.02
C PRO B 280 -24.02 -5.61 14.89
N ALA B 281 -23.32 -5.15 13.86
CA ALA B 281 -24.01 -4.46 12.78
C ALA B 281 -23.48 -4.80 11.39
N VAL B 282 -24.32 -5.45 10.59
CA VAL B 282 -23.96 -5.87 9.23
C VAL B 282 -23.95 -4.63 8.36
N ALA B 283 -22.88 -4.45 7.60
CA ALA B 283 -22.78 -3.26 6.78
C ALA B 283 -22.68 -3.42 5.27
N ASN B 284 -22.39 -4.64 4.82
CA ASN B 284 -22.18 -4.90 3.40
C ASN B 284 -23.25 -5.66 2.63
N MET B 285 -24.45 -5.78 3.17
CA MET B 285 -25.49 -6.51 2.47
C MET B 285 -26.43 -5.64 1.62
N LEU B 286 -27.15 -6.29 0.71
CA LEU B 286 -28.06 -5.60 -0.18
C LEU B 286 -29.53 -5.96 0.09
N LEU B 287 -30.37 -4.94 0.19
CA LEU B 287 -31.80 -5.14 0.41
C LEU B 287 -32.51 -5.17 -0.94
N GLU B 288 -33.21 -6.27 -1.21
CA GLU B 288 -33.96 -6.42 -2.44
C GLU B 288 -35.43 -6.32 -2.05
N VAL B 289 -36.18 -5.51 -2.80
CA VAL B 289 -37.59 -5.36 -2.54
C VAL B 289 -38.28 -4.92 -3.80
N GLY B 290 -39.34 -5.64 -4.18
CA GLY B 290 -40.13 -5.30 -5.36
C GLY B 290 -39.33 -5.01 -6.61
N GLY B 291 -38.19 -5.68 -6.71
CA GLY B 291 -37.35 -5.49 -7.86
C GLY B 291 -36.29 -4.43 -7.66
N LEU B 292 -36.46 -3.63 -6.63
CA LEU B 292 -35.50 -2.58 -6.29
C LEU B 292 -34.33 -3.14 -5.50
N GLU B 293 -33.17 -2.51 -5.64
CA GLU B 293 -31.97 -2.94 -4.94
C GLU B 293 -31.30 -1.81 -4.16
N PHE B 294 -31.03 -2.05 -2.88
CA PHE B 294 -30.36 -1.06 -2.03
C PHE B 294 -29.01 -1.61 -1.63
N PRO B 295 -27.94 -1.24 -2.37
CA PRO B 295 -26.55 -1.67 -2.15
C PRO B 295 -25.96 -1.26 -0.81
N ALA B 296 -26.60 -0.31 -0.15
CA ALA B 296 -26.13 0.17 1.14
C ALA B 296 -27.31 0.29 2.10
N CYS B 297 -27.30 -0.54 3.14
CA CYS B 297 -28.38 -0.56 4.11
C CYS B 297 -27.91 -1.28 5.37
N PRO B 298 -27.00 -0.65 6.12
CA PRO B 298 -26.48 -1.25 7.35
C PRO B 298 -27.55 -1.45 8.41
N PHE B 299 -27.50 -2.61 9.06
CA PHE B 299 -28.46 -2.90 10.11
C PHE B 299 -27.80 -3.56 11.30
N ASN B 300 -28.51 -3.55 12.43
CA ASN B 300 -27.96 -4.16 13.63
C ASN B 300 -29.05 -4.68 14.55
N GLY B 301 -28.60 -5.52 15.49
CA GLY B 301 -29.46 -6.07 16.51
C GLY B 301 -28.57 -6.11 17.73
N TRP B 302 -28.74 -7.12 18.58
CA TRP B 302 -27.87 -7.26 19.75
C TRP B 302 -27.18 -8.60 19.64
N TYR B 303 -26.16 -8.79 20.47
CA TYR B 303 -25.38 -10.01 20.45
C TYR B 303 -26.02 -11.22 21.14
N MET B 304 -25.56 -12.39 20.71
CA MET B 304 -25.96 -13.67 21.25
C MET B 304 -24.57 -14.09 21.71
N GLY B 305 -24.45 -14.38 23.00
CA GLY B 305 -23.18 -14.73 23.61
C GLY B 305 -22.12 -15.50 22.85
N THR B 306 -22.55 -16.58 22.21
CA THR B 306 -21.66 -17.47 21.49
C THR B 306 -20.91 -16.86 20.31
N GLU B 307 -21.43 -15.78 19.73
CA GLU B 307 -20.74 -15.11 18.62
C GLU B 307 -19.38 -14.56 19.11
N ILE B 308 -19.38 -13.97 20.30
CA ILE B 308 -18.17 -13.41 20.88
C ILE B 308 -17.33 -14.51 21.54
N GLY B 309 -17.92 -15.17 22.53
CA GLY B 309 -17.20 -16.21 23.24
C GLY B 309 -16.71 -17.40 22.44
N VAL B 310 -17.50 -17.81 21.45
CA VAL B 310 -17.10 -18.97 20.66
C VAL B 310 -16.41 -18.68 19.34
N ARG B 311 -17.06 -17.89 18.50
CA ARG B 311 -16.52 -17.59 17.18
C ARG B 311 -15.35 -16.59 17.22
N ASP B 312 -15.64 -15.39 17.73
CA ASP B 312 -14.65 -14.32 17.82
C ASP B 312 -13.42 -14.67 18.68
N PHE B 313 -13.66 -15.18 19.88
CA PHE B 313 -12.58 -15.56 20.78
C PHE B 313 -11.94 -16.93 20.55
N CYS B 314 -12.71 -17.94 20.13
CA CYS B 314 -12.15 -19.29 19.98
C CYS B 314 -11.82 -19.84 18.60
N ASP B 315 -12.31 -19.23 17.54
CA ASP B 315 -11.95 -19.69 16.21
C ASP B 315 -10.43 -19.52 16.06
N THR B 316 -9.78 -20.50 15.44
CA THR B 316 -8.33 -20.44 15.23
C THR B 316 -8.00 -19.30 14.26
N GLN B 317 -8.93 -18.97 13.36
CA GLN B 317 -8.75 -17.91 12.38
C GLN B 317 -9.07 -16.52 12.96
N ARG B 318 -9.44 -16.47 14.24
CA ARG B 318 -9.76 -15.21 14.89
C ARG B 318 -8.78 -14.97 16.03
N TYR B 319 -9.28 -14.66 17.22
CA TYR B 319 -8.43 -14.41 18.39
C TYR B 319 -7.75 -15.65 18.99
N ASN B 320 -8.30 -16.84 18.71
CA ASN B 320 -7.74 -18.12 19.14
C ASN B 320 -7.21 -18.14 20.58
N ILE B 321 -8.03 -17.72 21.54
CA ILE B 321 -7.61 -17.69 22.94
C ILE B 321 -7.83 -19.00 23.70
N LEU B 322 -8.30 -20.03 22.99
CA LEU B 322 -8.62 -21.31 23.62
C LEU B 322 -7.55 -22.00 24.45
N GLU B 323 -6.41 -22.32 23.85
CA GLU B 323 -5.34 -22.98 24.58
C GLU B 323 -4.88 -22.19 25.80
N GLU B 324 -4.68 -20.89 25.62
CA GLU B 324 -4.26 -20.02 26.71
C GLU B 324 -5.19 -20.16 27.92
N VAL B 325 -6.50 -20.14 27.66
CA VAL B 325 -7.49 -20.28 28.72
C VAL B 325 -7.42 -21.66 29.37
N GLY B 326 -7.11 -22.66 28.55
CA GLY B 326 -6.99 -24.00 29.05
C GLY B 326 -5.93 -24.15 30.12
N ARG B 327 -4.72 -23.63 29.86
CA ARG B 327 -3.60 -23.71 30.80
C ARG B 327 -3.93 -23.04 32.11
N ARG B 328 -4.45 -21.82 32.03
CA ARG B 328 -4.80 -21.05 33.23
C ARG B 328 -5.84 -21.74 34.11
N MET B 329 -6.52 -22.73 33.53
CA MET B 329 -7.53 -23.50 34.24
C MET B 329 -6.90 -24.77 34.82
N GLY B 330 -5.67 -25.07 34.39
CA GLY B 330 -4.95 -26.23 34.85
C GLY B 330 -5.43 -27.51 34.20
N LEU B 331 -5.84 -27.41 32.94
CA LEU B 331 -6.37 -28.55 32.19
C LEU B 331 -5.29 -29.24 31.38
N GLU B 332 -5.58 -30.48 30.98
CA GLU B 332 -4.65 -31.30 30.19
C GLU B 332 -4.77 -30.88 28.72
N THR B 333 -4.21 -29.71 28.40
CA THR B 333 -4.28 -29.17 27.05
C THR B 333 -3.54 -29.95 25.96
N HIS B 334 -2.91 -31.05 26.34
CA HIS B 334 -2.18 -31.87 25.36
C HIS B 334 -2.86 -33.22 25.11
N THR B 335 -4.00 -33.43 25.77
CA THR B 335 -4.75 -34.66 25.62
C THR B 335 -6.18 -34.29 25.20
N LEU B 336 -6.47 -34.39 23.91
CA LEU B 336 -7.78 -34.06 23.39
C LEU B 336 -8.92 -34.80 24.09
N ALA B 337 -8.70 -36.08 24.39
CA ALA B 337 -9.72 -36.88 25.03
C ALA B 337 -10.15 -36.37 26.39
N SER B 338 -9.35 -35.49 26.98
CA SER B 338 -9.67 -34.95 28.31
C SER B 338 -10.87 -34.00 28.26
N LEU B 339 -11.19 -33.51 27.07
CA LEU B 339 -12.29 -32.56 26.85
C LEU B 339 -12.04 -31.17 27.46
N TRP B 340 -10.77 -30.76 27.52
CA TRP B 340 -10.40 -29.47 28.08
C TRP B 340 -11.00 -28.34 27.26
N LYS B 341 -11.04 -28.53 25.95
CA LYS B 341 -11.60 -27.52 25.06
C LYS B 341 -13.06 -27.24 25.40
N ASP B 342 -13.82 -28.31 25.67
CA ASP B 342 -15.24 -28.16 26.02
C ASP B 342 -15.37 -27.39 27.31
N ARG B 343 -14.51 -27.70 28.26
CA ARG B 343 -14.53 -27.02 29.56
C ARG B 343 -14.13 -25.56 29.47
N ALA B 344 -13.10 -25.26 28.66
CA ALA B 344 -12.60 -23.89 28.50
C ALA B 344 -13.62 -22.97 27.82
N VAL B 345 -14.12 -23.41 26.67
CA VAL B 345 -15.07 -22.62 25.91
C VAL B 345 -16.33 -22.23 26.71
N THR B 346 -16.74 -23.08 27.64
CA THR B 346 -17.92 -22.77 28.45
C THR B 346 -17.62 -21.63 29.43
N GLU B 347 -16.42 -21.62 30.01
CA GLU B 347 -16.04 -20.56 30.94
C GLU B 347 -15.95 -19.21 30.21
N ILE B 348 -15.42 -19.24 28.99
CA ILE B 348 -15.31 -18.04 28.16
C ILE B 348 -16.73 -17.50 27.90
N ASN B 349 -17.64 -18.41 27.55
CA ASN B 349 -19.04 -18.03 27.31
C ASN B 349 -19.63 -17.43 28.60
N VAL B 350 -19.33 -18.05 29.74
CA VAL B 350 -19.83 -17.53 31.02
C VAL B 350 -19.27 -16.11 31.25
N ALA B 351 -18.00 -15.92 30.93
CA ALA B 351 -17.34 -14.63 31.08
C ALA B 351 -18.01 -13.56 30.21
N VAL B 352 -18.26 -13.89 28.94
CA VAL B 352 -18.90 -12.96 28.03
C VAL B 352 -20.26 -12.56 28.56
N LEU B 353 -21.09 -13.53 28.92
CA LEU B 353 -22.41 -13.22 29.45
C LEU B 353 -22.37 -12.42 30.76
N HIS B 354 -21.48 -12.82 31.66
CA HIS B 354 -21.32 -12.16 32.94
C HIS B 354 -20.91 -10.68 32.77
N SER B 355 -19.91 -10.44 31.93
CA SER B 355 -19.42 -9.10 31.64
C SER B 355 -20.52 -8.17 31.09
N PHE B 356 -21.22 -8.62 30.05
CA PHE B 356 -22.27 -7.80 29.45
C PHE B 356 -23.36 -7.47 30.46
N GLN B 357 -23.78 -8.46 31.23
CA GLN B 357 -24.82 -8.25 32.23
C GLN B 357 -24.36 -7.26 33.31
N LYS B 358 -23.11 -7.42 33.73
CA LYS B 358 -22.54 -6.58 34.78
C LYS B 358 -22.44 -5.12 34.33
N GLN B 359 -22.04 -4.93 33.08
CA GLN B 359 -21.87 -3.61 32.51
C GLN B 359 -23.15 -3.09 31.86
N ASN B 360 -24.26 -3.75 32.18
CA ASN B 360 -25.58 -3.39 31.68
C ASN B 360 -25.73 -3.28 30.15
N VAL B 361 -25.07 -4.18 29.44
CA VAL B 361 -25.15 -4.18 27.99
C VAL B 361 -25.96 -5.38 27.51
N THR B 362 -26.97 -5.12 26.71
CA THR B 362 -27.85 -6.17 26.18
C THR B 362 -27.13 -7.36 25.55
N ILE B 363 -27.56 -8.56 25.94
CA ILE B 363 -27.02 -9.79 25.40
C ILE B 363 -27.98 -10.96 25.72
N MET B 364 -27.94 -12.02 24.92
CA MET B 364 -28.80 -13.18 25.13
C MET B 364 -27.97 -14.42 24.94
N ASP B 365 -28.10 -15.38 25.86
CA ASP B 365 -27.37 -16.63 25.76
C ASP B 365 -28.00 -17.44 24.61
N HIS B 366 -27.25 -18.41 24.08
CA HIS B 366 -27.73 -19.21 22.96
C HIS B 366 -28.94 -20.09 23.25
N HIS B 367 -29.06 -20.57 24.49
CA HIS B 367 -30.20 -21.39 24.86
C HIS B 367 -31.50 -20.60 24.78
N THR B 368 -31.54 -19.43 25.42
CA THR B 368 -32.74 -18.58 25.41
C THR B 368 -33.09 -18.16 23.99
N ALA B 369 -32.06 -17.92 23.18
CA ALA B 369 -32.23 -17.52 21.78
C ALA B 369 -32.89 -18.64 21.00
N SER B 370 -32.41 -19.88 21.17
CA SER B 370 -32.97 -21.04 20.49
C SER B 370 -34.44 -21.19 20.80
N GLU B 371 -34.78 -21.17 22.09
CA GLU B 371 -36.16 -21.30 22.53
C GLU B 371 -37.00 -20.22 21.91
N SER B 372 -36.47 -19.01 21.88
CA SER B 372 -37.15 -17.87 21.31
C SER B 372 -37.40 -18.05 19.80
N PHE B 373 -36.41 -18.60 19.10
CA PHE B 373 -36.58 -18.82 17.67
C PHE B 373 -37.64 -19.91 17.40
N MET B 374 -37.65 -20.94 18.25
CA MET B 374 -38.61 -22.03 18.12
C MET B 374 -40.02 -21.49 18.24
N LYS B 375 -40.21 -20.51 19.12
CA LYS B 375 -41.50 -19.88 19.33
C LYS B 375 -41.88 -19.06 18.09
N HIS B 376 -40.91 -18.33 17.56
CA HIS B 376 -41.14 -17.52 16.38
C HIS B 376 -41.55 -18.38 15.19
N MET B 377 -40.84 -19.49 15.01
CA MET B 377 -41.12 -20.39 13.89
C MET B 377 -42.55 -20.91 13.95
N GLN B 378 -43.01 -21.21 15.16
CA GLN B 378 -44.37 -21.68 15.36
C GLN B 378 -45.37 -20.58 15.02
N ASN B 379 -45.03 -19.33 15.34
CA ASN B 379 -45.90 -18.20 15.05
C ASN B 379 -45.95 -18.01 13.54
N GLU B 380 -44.82 -18.25 12.89
CA GLU B 380 -44.71 -18.09 11.45
C GLU B 380 -45.52 -19.11 10.66
N TYR B 381 -45.46 -20.37 11.07
CA TYR B 381 -46.22 -21.41 10.40
C TYR B 381 -47.73 -21.21 10.56
N ARG B 382 -48.13 -20.56 11.65
CA ARG B 382 -49.52 -20.26 11.91
C ARG B 382 -49.94 -19.06 11.07
N ALA B 383 -49.16 -17.99 11.16
CA ALA B 383 -49.43 -16.76 10.44
C ALA B 383 -49.43 -16.87 8.92
N ARG B 384 -48.45 -17.60 8.37
CA ARG B 384 -48.36 -17.75 6.93
C ARG B 384 -47.87 -19.11 6.43
N GLY B 385 -48.00 -20.11 7.29
CA GLY B 385 -47.59 -21.45 6.92
C GLY B 385 -46.16 -21.65 6.47
N GLY B 386 -45.20 -21.19 7.26
CA GLY B 386 -43.81 -21.37 6.88
C GLY B 386 -42.83 -20.38 7.46
N CYS B 387 -41.56 -20.77 7.45
CA CYS B 387 -40.46 -19.95 7.94
C CYS B 387 -39.14 -20.45 7.33
N PRO B 388 -38.57 -19.68 6.41
CA PRO B 388 -37.31 -20.07 5.76
C PRO B 388 -36.19 -20.14 6.80
N ALA B 389 -35.53 -21.29 6.89
CA ALA B 389 -34.50 -21.45 7.90
C ALA B 389 -33.31 -22.25 7.44
N ASP B 390 -32.12 -21.74 7.76
CA ASP B 390 -30.87 -22.39 7.41
C ASP B 390 -30.33 -23.05 8.68
N TRP B 391 -30.59 -24.34 8.80
CA TRP B 391 -30.20 -25.14 9.95
C TRP B 391 -28.73 -24.95 10.33
N ILE B 392 -27.87 -25.01 9.33
CA ILE B 392 -26.43 -24.87 9.53
C ILE B 392 -26.04 -23.59 10.23
N TRP B 393 -26.84 -22.55 10.06
CA TRP B 393 -26.56 -21.28 10.70
C TRP B 393 -27.36 -21.06 11.99
N LEU B 394 -28.53 -21.66 12.07
CA LEU B 394 -29.39 -21.49 13.25
C LEU B 394 -28.96 -22.25 14.49
N VAL B 395 -28.32 -23.39 14.31
CA VAL B 395 -27.86 -24.17 15.45
C VAL B 395 -26.56 -23.52 15.97
N PRO B 396 -26.53 -23.14 17.26
CA PRO B 396 -25.38 -22.52 17.93
C PRO B 396 -24.08 -23.28 17.71
N PRO B 397 -22.94 -22.57 17.74
CA PRO B 397 -21.61 -23.16 17.55
C PRO B 397 -21.19 -24.10 18.68
N VAL B 398 -21.95 -24.13 19.77
CA VAL B 398 -21.71 -25.04 20.89
C VAL B 398 -23.06 -25.54 21.43
N SER B 399 -23.05 -26.74 22.02
CA SER B 399 -24.28 -27.32 22.60
C SER B 399 -25.39 -27.56 21.60
N GLY B 400 -25.00 -27.89 20.37
CA GLY B 400 -25.96 -28.13 19.31
C GLY B 400 -27.24 -28.88 19.68
N SER B 401 -27.12 -30.19 19.94
CA SER B 401 -28.29 -31.00 20.27
C SER B 401 -28.96 -30.64 21.58
N ILE B 402 -28.24 -29.94 22.45
CA ILE B 402 -28.80 -29.52 23.71
C ILE B 402 -29.84 -28.41 23.47
N THR B 403 -29.86 -27.87 22.26
CA THR B 403 -30.82 -26.82 21.92
C THR B 403 -31.97 -27.43 21.11
N PRO B 404 -33.15 -26.81 21.19
CA PRO B 404 -34.32 -27.32 20.45
C PRO B 404 -34.25 -27.23 18.92
N VAL B 405 -33.65 -26.14 18.42
CA VAL B 405 -33.57 -25.94 16.97
C VAL B 405 -32.81 -27.03 16.26
N PHE B 406 -31.93 -27.70 16.98
CA PHE B 406 -31.16 -28.78 16.40
C PHE B 406 -32.05 -29.94 15.95
N HIS B 407 -33.10 -30.21 16.70
CA HIS B 407 -33.99 -31.33 16.38
C HIS B 407 -35.14 -30.93 15.49
N GLN B 408 -35.12 -29.69 15.03
CA GLN B 408 -36.18 -29.17 14.18
C GLN B 408 -35.84 -29.19 12.69
N GLU B 409 -36.63 -29.96 11.93
CA GLU B 409 -36.42 -30.02 10.49
C GLU B 409 -36.84 -28.67 9.91
N MET B 410 -36.11 -28.18 8.93
CA MET B 410 -36.41 -26.88 8.34
C MET B 410 -36.21 -26.90 6.84
N LEU B 411 -36.80 -25.92 6.18
CA LEU B 411 -36.70 -25.77 4.75
C LEU B 411 -36.04 -24.43 4.50
N ASN B 412 -34.94 -24.45 3.77
CA ASN B 412 -34.23 -23.21 3.47
C ASN B 412 -34.61 -22.72 2.06
N TYR B 413 -35.20 -21.54 1.99
CA TYR B 413 -35.58 -20.97 0.69
C TYR B 413 -35.51 -19.45 0.72
N VAL B 414 -35.33 -18.87 -0.46
CA VAL B 414 -35.24 -17.42 -0.61
C VAL B 414 -36.58 -16.76 -0.97
N LEU B 415 -37.00 -15.78 -0.18
CA LEU B 415 -38.24 -15.07 -0.46
C LEU B 415 -37.91 -13.63 -0.89
N SER B 416 -38.89 -12.75 -0.80
CA SER B 416 -38.70 -11.36 -1.17
C SER B 416 -39.73 -10.53 -0.41
N PRO B 417 -39.32 -9.40 0.21
CA PRO B 417 -37.98 -8.79 0.27
C PRO B 417 -36.94 -9.72 0.89
N PHE B 418 -35.67 -9.45 0.60
CA PHE B 418 -34.59 -10.29 1.09
C PHE B 418 -33.26 -9.52 1.25
N TYR B 419 -32.42 -9.99 2.17
CA TYR B 419 -31.10 -9.40 2.39
C TYR B 419 -30.09 -10.31 1.72
N TYR B 420 -29.50 -9.85 0.62
CA TYR B 420 -28.51 -10.64 -0.13
C TYR B 420 -27.10 -10.23 0.18
N TYR B 421 -26.15 -11.12 -0.15
CA TYR B 421 -24.74 -10.82 -0.02
C TYR B 421 -24.34 -10.03 -1.28
N GLN B 422 -23.17 -9.42 -1.26
CA GLN B 422 -22.68 -8.67 -2.41
C GLN B 422 -21.26 -9.12 -2.70
N ILE B 423 -20.78 -8.80 -3.90
CA ILE B 423 -19.41 -9.13 -4.30
C ILE B 423 -18.55 -8.08 -3.64
N GLU B 424 -17.43 -8.50 -3.03
CA GLU B 424 -16.52 -7.56 -2.38
C GLU B 424 -16.20 -6.39 -3.32
N PRO B 425 -16.65 -5.18 -2.95
CA PRO B 425 -16.48 -3.93 -3.69
C PRO B 425 -15.11 -3.63 -4.33
N TRP B 426 -14.04 -3.82 -3.58
CA TRP B 426 -12.69 -3.54 -4.10
C TRP B 426 -12.30 -4.39 -5.31
N LYS B 427 -13.18 -5.32 -5.68
CA LYS B 427 -12.93 -6.18 -6.82
C LYS B 427 -13.56 -5.67 -8.10
N THR B 428 -14.81 -5.20 -8.00
CA THR B 428 -15.53 -4.70 -9.17
C THR B 428 -15.52 -3.18 -9.30
N HIS B 429 -14.83 -2.51 -8.39
CA HIS B 429 -14.77 -1.05 -8.40
C HIS B 429 -13.79 -0.49 -9.43
N ILE B 430 -14.29 0.44 -10.23
CA ILE B 430 -13.49 1.11 -11.26
C ILE B 430 -12.94 2.40 -10.63
N TRP B 431 -11.70 2.33 -10.18
CA TRP B 431 -11.05 3.48 -9.54
C TRP B 431 -10.92 4.70 -10.45
N GLN B 432 -11.36 5.85 -9.95
CA GLN B 432 -11.29 7.09 -10.70
C GLN B 432 -9.92 7.75 -10.54
N ASN B 433 -9.83 8.74 -9.66
CA ASN B 433 -8.57 9.44 -9.41
C ASN B 433 -7.83 8.82 -8.23
S SO4 C . 46.21 36.87 -16.29
O1 SO4 C . 46.81 37.98 -17.05
O2 SO4 C . 46.16 37.22 -14.87
O3 SO4 C . 44.83 36.63 -16.79
O4 SO4 C . 47.03 35.65 -16.45
CHA HEM D . 28.68 12.60 -7.75
CHB HEM D . 32.65 10.39 -6.00
CHC HEM D . 32.82 7.72 -9.95
CHD HEM D . 29.36 10.29 -11.95
C1A HEM D . 29.69 12.20 -6.88
C2A HEM D . 29.81 12.58 -5.46
C3A HEM D . 30.96 11.99 -5.01
C4A HEM D . 31.52 11.21 -6.11
CMA HEM D . 31.61 12.15 -3.62
CAA HEM D . 28.77 13.25 -4.55
CBA HEM D . 27.65 12.23 -4.23
CGA HEM D . 26.55 12.82 -3.36
O1A HEM D . 25.40 12.37 -3.51
O2A HEM D . 26.84 13.70 -2.51
C1B HEM D . 33.13 9.55 -6.97
C2B HEM D . 34.22 8.65 -6.71
C3B HEM D . 34.29 7.84 -7.83
C4B HEM D . 33.20 8.30 -8.75
CMB HEM D . 35.14 8.55 -5.46
CAB HEM D . 35.22 6.79 -7.93
CBB HEM D . 35.82 6.31 -9.08
C1C HEM D . 31.83 8.13 -10.79
C2C HEM D . 31.58 7.50 -12.07
C3C HEM D . 30.66 8.31 -12.69
C4C HEM D . 30.38 9.37 -11.75
CMC HEM D . 32.21 6.17 -12.58
CAC HEM D . 30.04 8.18 -13.94
CBC HEM D . 30.30 7.25 -14.97
C1D HEM D . 28.88 11.19 -11.01
C2D HEM D . 27.68 12.00 -11.16
C3D HEM D . 27.47 12.60 -9.98
C4D HEM D . 28.54 12.19 -9.09
CMD HEM D . 26.82 12.17 -12.40
CAD HEM D . 26.27 13.41 -9.55
CBD HEM D . 25.21 12.56 -8.85
CGD HEM D . 24.11 13.40 -8.26
O1D HEM D . 23.30 12.90 -7.46
O2D HEM D . 24.09 14.61 -8.58
NA HEM D . 30.74 11.33 -7.24
NB HEM D . 32.53 9.36 -8.20
NC HEM D . 31.09 9.24 -10.60
ND HEM D . 29.39 11.32 -9.74
FE HEM D . 31.15 10.52 -9.04
N1 H4B E . 27.19 18.41 -1.82
C2 H4B E . 27.24 17.11 -2.14
N2 H4B E . 28.42 16.57 -2.44
N3 H4B E . 26.16 16.33 -2.09
C4 H4B E . 24.98 16.83 -1.70
O4 H4B E . 23.97 16.14 -1.60
C4A H4B E . 24.87 18.19 -1.40
C8A H4B E . 26.04 18.98 -1.49
N5 H4B E . 23.71 18.72 -1.00
N8 H4B E . 25.98 20.29 -1.24
C6 H4B E . 23.61 20.03 -0.87
C7 H4B E . 24.74 20.87 -0.99
C9 H4B E . 22.25 20.53 -0.40
O9 H4B E . 21.96 20.17 0.95
C10 H4B E . 22.16 22.05 -0.56
C11 H4B E . 20.79 22.54 -0.10
O10 H4B E . 22.37 22.40 -1.93
C1 CLW F . 28.33 8.58 -7.35
C2 CLW F . 28.49 9.14 -6.08
C3 CLW F . 29.57 8.69 -5.30
C4 CLW F . 30.49 7.75 -5.69
C5 CLW F . 30.38 7.11 -7.04
C6 CLW F . 29.22 7.58 -7.83
CL1 CLW F . 28.95 6.90 -9.38
O1 CLW F . 29.94 9.09 -4.02
C7 CLW F . 31.02 8.39 -3.71
N1 CLW F . 31.38 7.57 -4.73
O2 CLW F . 31.56 8.49 -2.67
C1 BOG G . -56.68 -8.01 -3.50
O1 BOG G . -55.99 -7.84 -4.74
C2 BOG G . -56.57 -9.46 -3.03
O2 BOG G . -57.13 -10.31 -4.01
C3 BOG G . -57.32 -9.60 -1.71
O3 BOG G . -57.22 -10.93 -1.26
C4 BOG G . -56.67 -8.66 -0.71
O4 BOG G . -57.33 -8.76 0.55
C5 BOG G . -56.77 -7.21 -1.20
O5 BOG G . -56.13 -7.12 -2.50
C6 BOG G . -56.13 -6.20 -0.26
O6 BOG G . -55.92 -4.97 -0.91
C1' BOG G . -56.59 -6.91 -5.62
C2' BOG G . -56.43 -7.43 -7.04
C3' BOG G . -56.08 -6.30 -8.00
C4' BOG G . -55.91 -6.80 -9.43
C5' BOG G . -55.55 -5.65 -10.35
C6' BOG G . -56.73 -4.71 -10.55
C7' BOG G . -56.37 -3.55 -11.46
C8' BOG G . -57.56 -2.62 -11.64
S SO4 H . -49.68 -35.17 9.49
O1 SO4 H . -49.06 -34.85 8.19
O2 SO4 H . -48.65 -35.61 10.45
O3 SO4 H . -50.38 -33.98 10.03
O4 SO4 H . -50.66 -36.25 9.30
CHA HEM I . -27.50 -13.53 11.14
CHB HEM I . -28.55 -12.81 15.75
CHC HEM I . -30.98 -8.88 14.63
CHD HEM I . -30.39 -9.89 9.99
C1A HEM I . -27.45 -13.60 12.52
C2A HEM I . -26.59 -14.52 13.29
C3A HEM I . -26.96 -14.35 14.59
C4A HEM I . -27.98 -13.30 14.59
CMA HEM I . -26.43 -15.14 15.81
CAA HEM I . -25.34 -15.33 12.87
CBA HEM I . -24.24 -14.30 12.57
CGA HEM I . -22.97 -14.91 12.03
O1A HEM I . -22.13 -14.14 11.51
O2A HEM I . -22.78 -16.15 12.14
C1B HEM I . -29.40 -11.77 15.84
C2B HEM I . -29.84 -11.27 17.13
C3B HEM I . -30.52 -10.11 16.85
C4B HEM I . -30.46 -9.95 15.36
CMB HEM I . -29.60 -11.92 18.53
CAB HEM I . -31.12 -9.34 17.88
CBB HEM I . -32.21 -8.45 17.78
C1C HEM I . -31.00 -8.78 13.25
C2C HEM I . -31.54 -7.65 12.52
C3C HEM I . -31.45 -8.01 11.18
C4C HEM I . -30.81 -9.29 11.16
CMC HEM I . -32.11 -6.35 13.13
CAC HEM I . -31.97 -7.34 10.05
CBC HEM I . -32.68 -6.11 10.06
C1D HEM I . -29.63 -11.00 9.85
C2D HEM I . -29.11 -11.50 8.62
C3D HEM I . -28.27 -12.52 8.94
C4D HEM I . -28.31 -12.66 10.36
CMD HEM I . -29.36 -11.00 7.21
CAD HEM I . -27.27 -13.19 8.01
CBD HEM I . -25.92 -12.47 8.06
CGD HEM I . -24.83 -13.22 7.30
O1D HEM I . -23.63 -12.90 7.46
O2D HEM I . -25.18 -14.15 6.55
NA HEM I . -28.25 -12.84 13.33
NB HEM I . -29.78 -11.01 14.78
NC HEM I . -30.54 -9.76 12.42
ND HEM I . -29.16 -11.71 10.89
FE HEM I . -29.77 -11.57 12.83
N1 H4B J . -23.33 -20.74 11.20
C2 H4B J . -23.30 -19.48 11.62
N2 H4B J . -24.24 -19.02 12.45
N3 H4B J . -22.30 -18.65 11.25
C4 H4B J . -21.33 -19.08 10.46
O4 H4B J . -20.40 -18.34 10.09
C4A H4B J . -21.29 -20.41 10.05
C8A H4B J . -22.32 -21.26 10.52
N5 H4B J . -20.33 -20.88 9.25
N8 H4B J . -22.26 -22.56 10.26
C6 H4B J . -20.48 -22.11 8.73
C7 H4B J . -21.44 -23.00 9.24
C9 H4B J . -19.33 -22.60 7.85
O9 H4B J . -18.14 -22.90 8.59
C10 H4B J . -19.77 -23.84 7.05
C11 H4B J . -18.61 -24.34 6.20
O10 H4B J . -20.86 -23.50 6.20
C1 CLW K . -26.10 -10.05 12.72
C2 CLW K . -25.43 -11.10 13.40
C3 CLW K . -25.57 -11.16 14.80
C4 CLW K . -26.30 -10.26 15.55
C5 CLW K . -27.04 -9.12 14.89
C6 CLW K . -26.88 -9.09 13.40
CL1 CLW K . -27.67 -7.84 12.53
O1 CLW K . -25.01 -12.05 15.71
C7 CLW K . -25.42 -11.67 16.92
N1 CLW K . -26.22 -10.58 16.84
O2 CLW K . -25.13 -12.24 17.91
C1 EDO L . -34.26 -13.14 19.95
O1 EDO L . -34.86 -13.08 21.27
C2 EDO L . -33.08 -12.15 19.89
O2 EDO L . -32.13 -12.53 20.88
#